data_1ZJ8
#
_entry.id   1ZJ8
#
_cell.length_a   84.257
_cell.length_b   115.355
_cell.length_c   114.697
_cell.angle_alpha   90.00
_cell.angle_beta   90.00
_cell.angle_gamma   90.00
#
_symmetry.space_group_name_H-M   'P 21 21 21'
#
loop_
_entity.id
_entity.type
_entity.pdbx_description
1 polymer 'Probable ferredoxin-dependent nitrite reductase NirA'
2 non-polymer 'CHLORIDE ION'
3 non-polymer 'IRON/SULFUR CLUSTER'
4 non-polymer SIROHEME
5 water water
#
_entity_poly.entity_id   1
_entity_poly.type   'polypeptide(L)'
_entity_poly.pdbx_seq_one_letter_code
;MDVSHHHHHHGMATARPAKARNEGQWALGHREPLNANEELKKAGNPLDVRERIENIYAKQGFDSIDKTDLRGRFRWWGLY
TQREQGYDGTWTGDDNIDKLEAKYFMMRVRCDGGALSAAALRTLGQISTEFARDTADISDRQNVQYHWIEVENVPEIWRR
LDDVGLQTTEACGDCPRVVLGSPLAGESLDEVLDPTWAIEEIVRRYIGKPDFADLPRKYKTAISGLQDVAHEINDVAFIG
VNHPEHGPGLDLWVGGGLSTNPMLAQRVGAWVPLGEVPEVWAAVTSVFRDYGYRRLRAKARLKFLIKDWGIAKFREVLET
EYLKRPLIDGPAPEPVKHPIDHVGVQRLKNGLNAVGVAPIAGRVSGTILTAVADLMARAGSDRIRFTPYQKLVILDIPDA
LLDDLIAGLDALGLQSRPSHWRRNLMACSGIEFCKLSFAETRVRAQHLVPELERRLEDINSQLDVPITVNINGCPNSCAR
IQIADIGFKGQMIDDGHGGSVEGFQVHLGGHLGLDAGFGRKLRQHKVTSDELGDYIDRVVRNFVKHRSEGERFAQWVIRA
EEDDLR
;
_entity_poly.pdbx_strand_id   A,B
#
loop_
_chem_comp.id
_chem_comp.type
_chem_comp.name
_chem_comp.formula
CL non-polymer 'CHLORIDE ION' 'Cl -1'
SF4 non-polymer 'IRON/SULFUR CLUSTER' 'Fe4 S4'
SRM non-polymer SIROHEME 'C42 H44 Fe N4 O16'
#
# COMPACT_ATOMS: atom_id res chain seq x y z
N ARG A 21 -6.00 46.66 -4.93
CA ARG A 21 -7.26 47.35 -4.50
C ARG A 21 -7.97 46.62 -3.32
N ASN A 22 -7.17 45.93 -2.49
CA ASN A 22 -7.67 45.09 -1.38
C ASN A 22 -8.72 44.06 -1.79
N GLU A 23 -8.26 43.00 -2.45
CA GLU A 23 -9.09 41.85 -2.77
C GLU A 23 -8.98 40.78 -1.68
N GLY A 24 -8.50 41.17 -0.49
CA GLY A 24 -8.40 40.27 0.67
C GLY A 24 -7.12 39.47 0.71
N GLN A 25 -6.27 39.64 -0.30
CA GLN A 25 -5.04 38.85 -0.49
C GLN A 25 -4.08 38.95 0.70
N TRP A 26 -3.76 37.80 1.29
CA TRP A 26 -2.84 37.69 2.42
C TRP A 26 -1.44 38.25 2.09
N ALA A 27 -0.90 37.88 0.93
CA ALA A 27 0.48 38.25 0.53
C ALA A 27 0.68 39.73 0.11
N LEU A 28 -0.40 40.50 0.02
CA LEU A 28 -0.26 41.95 -0.17
C LEU A 28 -0.41 42.70 1.16
N GLY A 29 -0.45 41.97 2.28
CA GLY A 29 -0.69 42.56 3.59
C GLY A 29 -2.16 42.83 3.89
N HIS A 30 -3.02 42.71 2.86
CA HIS A 30 -4.45 42.98 2.98
C HIS A 30 -5.12 41.78 3.66
N ARG A 31 -4.87 41.64 4.96
CA ARG A 31 -5.12 40.40 5.67
C ARG A 31 -6.35 40.45 6.59
N GLU A 32 -7.23 41.42 6.36
CA GLU A 32 -8.40 41.61 7.23
C GLU A 32 -9.70 40.97 6.70
N PRO A 33 -10.55 40.45 7.60
CA PRO A 33 -11.80 39.80 7.18
C PRO A 33 -12.72 40.74 6.40
N LEU A 34 -13.10 40.34 5.18
CA LEU A 34 -14.03 41.11 4.36
C LEU A 34 -15.37 40.38 4.21
N ASN A 35 -15.58 39.33 4.99
CA ASN A 35 -16.79 38.49 4.95
C ASN A 35 -17.06 37.98 6.36
N ALA A 36 -18.26 37.45 6.58
CA ALA A 36 -18.56 36.71 7.82
C ALA A 36 -17.82 35.37 7.82
N ASN A 37 -17.53 34.87 6.62
CA ASN A 37 -16.81 33.62 6.41
C ASN A 37 -15.35 33.78 6.73
N GLU A 38 -14.72 34.82 6.16
CA GLU A 38 -13.34 35.15 6.48
C GLU A 38 -13.15 35.56 7.96
N GLU A 39 -14.22 35.99 8.63
CA GLU A 39 -14.11 36.43 10.02
C GLU A 39 -14.20 35.32 11.06
N LEU A 40 -15.01 34.30 10.80
CA LEU A 40 -15.13 33.17 11.73
C LEU A 40 -13.86 32.31 11.71
N LYS A 41 -13.15 32.32 10.58
CA LYS A 41 -11.89 31.61 10.45
C LYS A 41 -10.76 32.30 11.22
N LYS A 42 -10.92 33.60 11.48
CA LYS A 42 -9.97 34.34 12.32
C LYS A 42 -10.00 33.95 13.80
N ALA A 43 -11.01 33.17 14.21
CA ALA A 43 -11.19 32.79 15.61
C ALA A 43 -10.41 31.54 16.05
N GLY A 44 -9.34 31.21 15.33
CA GLY A 44 -8.55 29.99 15.61
C GLY A 44 -8.81 28.94 14.56
N ASN A 45 -7.95 27.92 14.49
CA ASN A 45 -8.10 26.87 13.47
C ASN A 45 -9.53 26.31 13.53
N PRO A 46 -10.26 26.31 12.40
CA PRO A 46 -11.59 25.68 12.39
C PRO A 46 -11.63 24.20 12.84
N LEU A 47 -10.61 23.42 12.47
CA LEU A 47 -10.53 22.01 12.86
C LEU A 47 -10.65 21.74 14.36
N ASP A 48 -10.65 22.80 15.17
CA ASP A 48 -10.68 22.68 16.64
C ASP A 48 -12.00 22.14 17.19
N VAL A 49 -13.07 22.38 16.43
CA VAL A 49 -14.43 21.96 16.80
C VAL A 49 -14.52 20.52 17.25
N ARG A 50 -13.68 19.65 16.70
CA ARG A 50 -13.75 18.22 17.03
C ARG A 50 -13.91 17.95 18.52
N GLU A 51 -13.19 18.73 19.35
CA GLU A 51 -13.29 18.62 20.83
C GLU A 51 -14.67 19.08 21.31
N ARG A 52 -15.09 20.25 20.83
CA ARG A 52 -16.44 20.76 21.12
C ARG A 52 -17.57 19.82 20.70
N ILE A 53 -17.33 18.98 19.68
CA ILE A 53 -18.31 17.97 19.27
C ILE A 53 -18.34 16.88 20.34
N GLU A 54 -17.16 16.36 20.68
CA GLU A 54 -17.07 15.23 21.60
C GLU A 54 -17.36 15.63 23.05
N ASN A 55 -17.02 16.87 23.42
CA ASN A 55 -17.28 17.38 24.78
C ASN A 55 -18.70 17.89 24.95
N ILE A 56 -19.04 18.92 24.18
CA ILE A 56 -20.33 19.62 24.29
C ILE A 56 -21.44 18.98 23.44
N TYR A 57 -21.38 19.25 22.14
CA TYR A 57 -22.53 19.10 21.24
C TYR A 57 -23.10 17.68 21.16
N ALA A 58 -22.25 16.67 21.14
CA ALA A 58 -22.70 15.28 21.03
C ALA A 58 -23.56 14.85 22.22
N LYS A 59 -23.62 15.67 23.27
CA LYS A 59 -24.45 15.37 24.46
C LYS A 59 -25.71 16.22 24.52
N GLN A 60 -25.57 17.53 24.36
CA GLN A 60 -26.74 18.42 24.38
C GLN A 60 -27.65 18.33 23.14
N GLY A 61 -27.08 17.96 21.99
CA GLY A 61 -27.83 17.86 20.74
C GLY A 61 -27.75 19.10 19.88
N PHE A 62 -28.60 19.16 18.87
CA PHE A 62 -28.53 20.19 17.81
C PHE A 62 -28.61 21.62 18.35
N ASP A 63 -29.39 21.82 19.41
CA ASP A 63 -29.70 23.17 19.91
C ASP A 63 -28.55 23.83 20.68
N SER A 64 -27.62 23.03 21.18
CA SER A 64 -26.44 23.59 21.88
C SER A 64 -25.47 24.22 20.90
N ILE A 65 -25.56 23.85 19.63
CA ILE A 65 -24.52 24.17 18.66
C ILE A 65 -24.52 25.65 18.27
N ASP A 66 -23.37 26.29 18.45
CA ASP A 66 -23.17 27.67 18.01
C ASP A 66 -23.36 27.77 16.50
N LYS A 67 -24.05 28.82 16.06
CA LYS A 67 -24.40 28.94 14.65
C LYS A 67 -23.19 29.10 13.75
N THR A 68 -22.08 29.62 14.27
CA THR A 68 -20.83 29.71 13.48
C THR A 68 -20.11 28.34 13.40
N ASP A 69 -20.23 27.53 14.45
CA ASP A 69 -19.82 26.13 14.37
C ASP A 69 -20.72 25.35 13.41
N LEU A 70 -22.04 25.43 13.65
CA LEU A 70 -23.06 24.72 12.87
C LEU A 70 -22.94 24.97 11.38
N ARG A 71 -22.91 26.23 10.98
CA ARG A 71 -22.95 26.59 9.56
C ARG A 71 -21.58 26.83 8.90
N GLY A 72 -20.49 26.66 9.66
CA GLY A 72 -19.14 26.98 9.16
C GLY A 72 -18.09 25.97 9.58
N ARG A 73 -17.74 25.97 10.86
CA ARG A 73 -16.63 25.18 11.34
C ARG A 73 -16.86 23.66 11.27
N PHE A 74 -18.14 23.25 11.30
CA PHE A 74 -18.53 21.82 11.14
C PHE A 74 -18.03 21.22 9.83
N ARG A 75 -18.01 22.04 8.79
CA ARG A 75 -17.64 21.60 7.45
C ARG A 75 -16.22 21.03 7.44
N TRP A 76 -15.33 21.59 8.24
CA TRP A 76 -13.96 21.09 8.30
C TRP A 76 -13.90 19.64 8.74
N TRP A 77 -15.05 19.09 9.16
CA TRP A 77 -15.17 17.67 9.44
C TRP A 77 -16.21 16.98 8.57
N GLY A 78 -16.59 17.60 7.47
CA GLY A 78 -17.53 16.98 6.54
C GLY A 78 -18.97 16.87 7.06
N LEU A 79 -19.34 17.75 8.00
CA LEU A 79 -20.70 17.82 8.52
C LEU A 79 -21.35 19.05 7.95
N TYR A 80 -22.30 18.81 7.09
CA TYR A 80 -23.05 19.84 6.40
C TYR A 80 -24.52 19.61 6.89
N THR A 81 -25.19 20.69 7.23
CA THR A 81 -26.59 20.66 7.69
C THR A 81 -27.51 20.19 6.54
N GLN A 82 -28.53 19.36 6.79
CA GLN A 82 -29.41 18.92 5.70
C GLN A 82 -30.75 19.70 5.64
N ARG A 83 -31.41 19.65 4.46
CA ARG A 83 -32.65 20.42 4.19
C ARG A 83 -33.88 19.83 4.90
N GLU A 84 -34.58 20.69 5.65
CA GLU A 84 -35.84 20.31 6.30
C GLU A 84 -36.86 19.92 5.24
N GLN A 85 -37.76 19.01 5.62
CA GLN A 85 -38.79 18.48 4.72
C GLN A 85 -39.87 19.50 4.39
N GLY A 86 -40.48 19.36 3.21
CA GLY A 86 -41.69 20.09 2.85
C GLY A 86 -41.55 21.43 2.15
N TYR A 87 -40.32 21.96 2.11
CA TYR A 87 -40.07 23.24 1.47
C TYR A 87 -39.63 22.99 0.03
N ASP A 88 -40.32 23.61 -0.92
CA ASP A 88 -39.92 23.53 -2.34
C ASP A 88 -39.09 24.75 -2.76
N GLY A 89 -38.80 24.85 -4.06
CA GLY A 89 -37.91 25.88 -4.62
C GLY A 89 -38.23 27.34 -4.33
N THR A 90 -39.52 27.60 -4.10
CA THR A 90 -39.98 28.91 -3.61
C THR A 90 -39.16 29.41 -2.42
N TRP A 91 -38.82 28.48 -1.52
CA TRP A 91 -38.21 28.82 -0.23
C TRP A 91 -36.69 28.91 -0.27
N THR A 92 -36.10 28.34 -1.30
CA THR A 92 -34.65 28.31 -1.43
C THR A 92 -34.08 29.73 -1.62
N GLY A 93 -33.16 30.11 -0.73
CA GLY A 93 -32.58 31.44 -0.71
C GLY A 93 -31.86 31.65 0.60
N ASP A 94 -30.85 32.52 0.58
CA ASP A 94 -30.02 32.78 1.77
C ASP A 94 -30.85 33.35 2.96
N ASP A 95 -31.93 34.05 2.63
CA ASP A 95 -32.84 34.64 3.64
C ASP A 95 -33.68 33.63 4.47
N ASN A 96 -33.86 32.40 3.98
CA ASN A 96 -34.72 31.39 4.67
C ASN A 96 -33.96 30.33 5.48
N ILE A 97 -32.65 30.51 5.66
CA ILE A 97 -31.78 29.52 6.31
C ILE A 97 -32.41 28.81 7.49
N ASP A 98 -32.92 29.57 8.45
CA ASP A 98 -33.42 29.02 9.73
C ASP A 98 -34.54 28.01 9.52
N LYS A 99 -35.38 28.23 8.50
CA LYS A 99 -36.46 27.29 8.13
C LYS A 99 -35.93 26.02 7.45
N LEU A 100 -35.07 26.24 6.44
CA LEU A 100 -34.52 25.16 5.63
C LEU A 100 -33.50 24.28 6.37
N GLU A 101 -32.98 24.78 7.49
CA GLU A 101 -31.98 24.06 8.27
C GLU A 101 -32.61 23.05 9.23
N ALA A 102 -32.54 21.77 8.88
CA ALA A 102 -33.09 20.69 9.73
C ALA A 102 -32.16 20.34 10.88
N LYS A 103 -32.62 19.44 11.75
CA LYS A 103 -31.85 18.99 12.92
C LYS A 103 -30.97 17.78 12.58
N TYR A 104 -30.77 17.53 11.28
CA TYR A 104 -30.02 16.36 10.82
C TYR A 104 -28.87 16.80 9.93
N PHE A 105 -27.88 15.92 9.76
CA PHE A 105 -26.67 16.24 9.00
C PHE A 105 -26.42 15.29 7.83
N MET A 106 -25.93 15.86 6.73
CA MET A 106 -25.23 15.08 5.74
C MET A 106 -23.82 14.89 6.31
N MET A 107 -23.30 13.67 6.27
CA MET A 107 -21.91 13.44 6.65
C MET A 107 -21.13 12.78 5.49
N ARG A 108 -19.96 13.34 5.20
CA ARG A 108 -19.18 13.01 3.99
C ARG A 108 -17.89 12.31 4.39
N VAL A 109 -17.71 11.08 3.92
CA VAL A 109 -16.51 10.34 4.24
C VAL A 109 -15.47 10.60 3.17
N ARG A 110 -14.27 10.99 3.61
CA ARG A 110 -13.14 11.28 2.73
C ARG A 110 -12.47 10.00 2.23
N CYS A 111 -12.45 9.81 0.91
CA CYS A 111 -11.86 8.62 0.31
C CYS A 111 -10.87 8.95 -0.81
N ASP A 112 -9.74 9.55 -0.43
CA ASP A 112 -8.75 9.96 -1.41
C ASP A 112 -8.41 8.78 -2.30
N GLY A 113 -8.42 9.03 -3.60
CA GLY A 113 -8.19 8.00 -4.61
C GLY A 113 -9.25 6.92 -4.73
N GLY A 114 -10.39 7.11 -4.04
CA GLY A 114 -11.51 6.15 -4.02
C GLY A 114 -11.26 4.84 -3.31
N ALA A 115 -10.06 4.64 -2.75
CA ALA A 115 -9.57 3.30 -2.47
C ALA A 115 -9.91 2.78 -1.09
N LEU A 116 -10.55 1.61 -1.00
CA LEU A 116 -11.00 1.01 0.27
C LEU A 116 -10.72 -0.48 0.32
N SER A 117 -10.59 -1.02 1.53
CA SER A 117 -10.48 -2.46 1.73
C SER A 117 -11.89 -3.03 1.82
N ALA A 118 -12.00 -4.35 1.86
CA ALA A 118 -13.29 -4.97 2.04
C ALA A 118 -13.82 -4.64 3.43
N ALA A 119 -12.94 -4.69 4.43
CA ALA A 119 -13.30 -4.36 5.82
C ALA A 119 -13.83 -2.92 5.96
N ALA A 120 -13.18 -1.98 5.29
CA ALA A 120 -13.58 -0.59 5.33
C ALA A 120 -14.94 -0.40 4.68
N LEU A 121 -15.17 -1.12 3.58
CA LEU A 121 -16.44 -1.06 2.85
C LEU A 121 -17.59 -1.62 3.71
N ARG A 122 -17.30 -2.68 4.47
CA ARG A 122 -18.26 -3.24 5.41
C ARG A 122 -18.64 -2.27 6.54
N THR A 123 -17.63 -1.58 7.07
CA THR A 123 -17.84 -0.59 8.12
C THR A 123 -18.75 0.51 7.59
N LEU A 124 -18.41 1.09 6.44
CA LEU A 124 -19.27 2.03 5.77
C LEU A 124 -20.72 1.54 5.66
N GLY A 125 -20.87 0.25 5.38
CA GLY A 125 -22.19 -0.31 5.20
C GLY A 125 -22.99 -0.34 6.48
N GLN A 126 -22.32 -0.71 7.55
CA GLN A 126 -22.94 -0.85 8.87
C GLN A 126 -23.25 0.50 9.53
N ILE A 127 -22.32 1.45 9.41
CA ILE A 127 -22.57 2.83 9.81
C ILE A 127 -23.90 3.29 9.20
N SER A 128 -24.06 3.09 7.87
CA SER A 128 -25.22 3.63 7.15
C SER A 128 -26.51 3.01 7.65
N THR A 129 -26.52 1.68 7.71
CA THR A 129 -27.71 0.91 8.10
C THR A 129 -28.19 1.33 9.50
N GLU A 130 -27.23 1.61 10.38
CA GLU A 130 -27.48 1.86 11.79
C GLU A 130 -27.66 3.32 12.15
N PHE A 131 -26.90 4.21 11.52
CA PHE A 131 -26.95 5.63 11.89
C PHE A 131 -27.49 6.58 10.84
N ALA A 132 -27.69 6.13 9.60
CA ALA A 132 -28.07 7.04 8.51
C ALA A 132 -29.39 6.66 7.84
N ARG A 133 -30.16 5.78 8.47
CA ARG A 133 -31.41 5.25 7.92
C ARG A 133 -31.17 4.53 6.59
N ASP A 134 -29.96 3.95 6.47
CA ASP A 134 -29.53 3.16 5.31
C ASP A 134 -29.26 4.01 4.05
N THR A 135 -29.19 5.33 4.21
CA THR A 135 -28.76 6.19 3.13
C THR A 135 -27.25 6.03 2.91
N ALA A 136 -26.88 5.92 1.64
CA ALA A 136 -25.48 5.90 1.22
C ALA A 136 -25.42 6.20 -0.27
N ASP A 137 -24.82 7.34 -0.64
CA ASP A 137 -24.74 7.76 -2.04
C ASP A 137 -23.30 8.04 -2.44
N ILE A 138 -22.84 7.43 -3.53
CA ILE A 138 -21.46 7.58 -3.98
C ILE A 138 -21.41 8.85 -4.74
N SER A 139 -20.57 9.75 -4.28
CA SER A 139 -20.40 11.04 -4.89
C SER A 139 -19.50 10.91 -6.13
N ASP A 140 -19.51 11.95 -6.98
CA ASP A 140 -18.66 11.96 -8.17
C ASP A 140 -17.25 12.53 -7.89
N ARG A 141 -16.82 12.52 -6.63
CA ARG A 141 -15.42 12.74 -6.25
C ARG A 141 -14.93 11.56 -5.39
N GLN A 142 -15.54 10.39 -5.58
CA GLN A 142 -15.09 9.10 -4.99
C GLN A 142 -15.37 8.95 -3.49
N ASN A 143 -16.20 9.84 -2.94
CA ASN A 143 -16.70 9.72 -1.55
C ASN A 143 -18.08 9.02 -1.42
N VAL A 144 -18.41 8.63 -0.19
CA VAL A 144 -19.78 8.33 0.17
C VAL A 144 -20.28 9.41 1.07
N GLN A 145 -21.58 9.65 0.99
CA GLN A 145 -22.24 10.60 1.86
C GLN A 145 -23.40 9.93 2.54
N TYR A 146 -23.53 10.22 3.83
CA TYR A 146 -24.63 9.72 4.66
C TYR A 146 -25.63 10.86 4.84
N HIS A 147 -26.89 10.55 5.13
CA HIS A 147 -27.86 11.59 5.53
C HIS A 147 -28.65 11.14 6.77
N TRP A 148 -29.53 12.01 7.29
CA TRP A 148 -30.27 11.70 8.51
C TRP A 148 -29.34 11.43 9.69
N ILE A 149 -28.20 12.11 9.75
CA ILE A 149 -27.27 11.87 10.85
C ILE A 149 -27.51 12.89 11.97
N GLU A 150 -27.45 12.40 13.21
CA GLU A 150 -27.66 13.22 14.40
C GLU A 150 -26.33 13.34 15.15
N VAL A 151 -25.97 14.58 15.51
CA VAL A 151 -24.72 14.87 16.23
C VAL A 151 -24.44 13.84 17.36
N GLU A 152 -25.47 13.50 18.11
CA GLU A 152 -25.36 12.47 19.15
C GLU A 152 -24.38 11.38 18.74
N ASN A 153 -24.42 10.96 17.47
CA ASN A 153 -23.68 9.76 17.01
C ASN A 153 -22.27 9.97 16.42
N VAL A 154 -21.89 11.23 16.20
CA VAL A 154 -20.69 11.54 15.40
C VAL A 154 -19.35 11.05 15.97
N PRO A 155 -19.20 11.05 17.29
CA PRO A 155 -17.95 10.48 17.84
C PRO A 155 -17.86 8.98 17.63
N GLU A 156 -18.98 8.29 17.85
CA GLU A 156 -19.06 6.83 17.67
C GLU A 156 -18.66 6.46 16.24
N ILE A 157 -19.18 7.20 15.27
CA ILE A 157 -18.85 6.96 13.87
C ILE A 157 -17.35 7.13 13.65
N TRP A 158 -16.81 8.28 14.07
CA TRP A 158 -15.39 8.61 13.89
C TRP A 158 -14.48 7.51 14.39
N ARG A 159 -14.94 6.85 15.44
CA ARG A 159 -14.20 5.80 16.08
C ARG A 159 -14.19 4.51 15.23
N ARG A 160 -15.35 4.13 14.67
CA ARG A 160 -15.42 2.97 13.75
C ARG A 160 -14.72 3.24 12.41
N LEU A 161 -14.87 4.47 11.91
CA LEU A 161 -14.22 4.88 10.67
C LEU A 161 -12.71 4.86 10.80
N ASP A 162 -12.22 5.42 11.90
CA ASP A 162 -10.79 5.44 12.19
C ASP A 162 -10.24 4.02 12.37
N ASP A 163 -11.08 3.11 12.86
CA ASP A 163 -10.65 1.74 13.09
C ASP A 163 -10.43 0.98 11.78
N VAL A 164 -10.75 1.61 10.65
CA VAL A 164 -10.42 1.07 9.31
C VAL A 164 -9.68 2.08 8.42
N GLY A 165 -9.09 3.11 9.03
CA GLY A 165 -8.24 4.07 8.31
C GLY A 165 -8.92 5.25 7.63
N LEU A 166 -10.19 5.46 7.94
CA LEU A 166 -10.98 6.51 7.29
C LEU A 166 -11.22 7.70 8.20
N GLN A 167 -11.38 8.87 7.58
CA GLN A 167 -11.57 10.12 8.28
C GLN A 167 -12.53 11.03 7.47
N THR A 168 -13.01 12.10 8.10
CA THR A 168 -13.87 13.07 7.44
C THR A 168 -13.16 14.41 7.36
N THR A 169 -11.85 14.41 7.62
CA THR A 169 -11.10 15.65 7.74
C THR A 169 -11.07 16.47 6.43
N GLU A 170 -11.46 17.74 6.54
CA GLU A 170 -11.38 18.68 5.42
C GLU A 170 -12.13 18.11 4.20
N ALA A 171 -13.19 17.34 4.48
CA ALA A 171 -14.04 16.78 3.43
C ALA A 171 -14.95 17.88 2.90
N CYS A 172 -15.37 18.77 3.81
CA CYS A 172 -16.05 20.04 3.45
C CYS A 172 -15.12 21.19 3.90
N GLY A 173 -15.49 22.43 3.55
CA GLY A 173 -14.79 23.60 4.11
C GLY A 173 -13.86 24.37 3.18
N ASP A 174 -13.26 25.44 3.72
CA ASP A 174 -12.31 26.29 2.98
C ASP A 174 -10.87 25.73 3.07
N CYS A 175 -10.65 24.62 2.35
CA CYS A 175 -9.50 23.72 2.55
C CYS A 175 -9.51 22.60 1.49
N PRO A 176 -8.43 21.81 1.38
CA PRO A 176 -8.38 20.76 0.34
C PRO A 176 -9.37 19.61 0.52
N ARG A 177 -10.14 19.37 -0.54
CA ARG A 177 -11.13 18.30 -0.55
C ARG A 177 -10.41 17.02 -0.94
N VAL A 178 -11.15 15.91 -1.02
CA VAL A 178 -10.63 14.66 -1.58
C VAL A 178 -9.65 14.86 -2.74
N VAL A 179 -8.56 14.13 -2.72
CA VAL A 179 -7.70 14.03 -3.86
C VAL A 179 -8.23 12.89 -4.74
N LEU A 180 -8.55 13.18 -6.00
CA LEU A 180 -9.04 12.15 -6.90
C LEU A 180 -7.90 11.23 -7.38
N GLY A 181 -8.22 9.97 -7.66
CA GLY A 181 -7.27 9.02 -8.26
C GLY A 181 -7.92 8.06 -9.25
N SER A 182 -7.12 7.54 -10.18
CA SER A 182 -7.60 6.49 -11.08
C SER A 182 -8.13 5.32 -10.27
N PRO A 183 -9.39 4.95 -10.53
CA PRO A 183 -9.97 3.73 -9.98
C PRO A 183 -9.19 2.48 -10.30
N LEU A 184 -8.25 2.54 -11.24
CA LEU A 184 -7.37 1.40 -11.56
C LEU A 184 -5.91 1.72 -11.38
N ALA A 185 -5.63 2.62 -10.43
CA ALA A 185 -4.26 2.99 -10.14
C ALA A 185 -3.45 1.74 -9.74
N GLY A 186 -2.37 1.46 -10.46
CA GLY A 186 -1.52 0.30 -10.19
C GLY A 186 -1.91 -1.01 -10.85
N GLU A 187 -3.03 -1.03 -11.55
CA GLU A 187 -3.45 -2.25 -12.26
C GLU A 187 -3.86 -2.07 -13.73
N SER A 188 -4.09 -0.83 -14.18
CA SER A 188 -4.47 -0.59 -15.56
C SER A 188 -3.36 -0.97 -16.52
N LEU A 189 -3.75 -1.63 -17.61
CA LEU A 189 -2.81 -1.94 -18.68
C LEU A 189 -2.36 -0.67 -19.42
N ASP A 190 -3.09 0.43 -19.27
CA ASP A 190 -2.80 1.64 -20.04
C ASP A 190 -2.34 2.84 -19.21
N GLU A 191 -2.13 2.66 -17.93
CA GLU A 191 -1.68 3.78 -17.10
C GLU A 191 -0.22 4.09 -17.43
N VAL A 192 0.09 5.38 -17.60
CA VAL A 192 1.48 5.80 -17.78
C VAL A 192 2.31 5.42 -16.56
N LEU A 193 1.75 5.63 -15.37
CA LEU A 193 2.31 5.15 -14.09
C LEU A 193 1.22 5.04 -12.97
N ASP A 194 1.62 4.63 -11.76
CA ASP A 194 0.71 4.62 -10.61
C ASP A 194 1.17 5.66 -9.62
N PRO A 195 0.48 6.81 -9.57
CA PRO A 195 0.95 7.87 -8.74
C PRO A 195 0.31 7.82 -7.35
N THR A 196 -0.30 6.68 -6.99
CA THR A 196 -0.96 6.55 -5.69
C THR A 196 -0.05 7.03 -4.58
N TRP A 197 1.21 6.65 -4.61
CA TRP A 197 2.17 7.13 -3.66
C TRP A 197 2.08 8.64 -3.38
N ALA A 198 1.88 9.45 -4.43
CA ALA A 198 1.83 10.89 -4.24
C ALA A 198 0.60 11.29 -3.43
N ILE A 199 -0.53 10.64 -3.70
CA ILE A 199 -1.81 10.97 -3.08
C ILE A 199 -1.70 10.65 -1.64
N GLU A 200 -1.10 9.51 -1.36
CA GLU A 200 -0.97 9.04 -0.01
C GLU A 200 -0.09 9.95 0.80
N GLU A 201 1.02 10.40 0.23
CA GLU A 201 1.89 11.38 0.90
C GLU A 201 1.21 12.73 1.17
N ILE A 202 0.47 13.24 0.18
CA ILE A 202 -0.23 14.50 0.35
C ILE A 202 -1.18 14.44 1.55
N VAL A 203 -1.88 13.33 1.68
CA VAL A 203 -2.80 13.16 2.78
C VAL A 203 -2.02 13.16 4.10
N ARG A 204 -0.91 12.43 4.14
CA ARG A 204 -0.13 12.27 5.37
C ARG A 204 0.59 13.54 5.80
N ARG A 205 1.18 14.25 4.85
CA ARG A 205 1.91 15.47 5.18
C ARG A 205 0.97 16.63 5.51
N TYR A 206 -0.02 16.88 4.65
CA TYR A 206 -0.73 18.18 4.66
C TYR A 206 -2.16 18.16 5.22
N ILE A 207 -2.89 17.09 4.98
CA ILE A 207 -4.29 17.01 5.38
C ILE A 207 -4.39 16.90 6.88
N GLY A 208 -5.22 17.78 7.46
CA GLY A 208 -5.50 17.81 8.89
C GLY A 208 -4.62 18.78 9.65
N LYS A 209 -3.72 19.47 8.96
CA LYS A 209 -2.66 20.28 9.59
C LYS A 209 -2.90 21.76 9.32
N PRO A 210 -2.42 22.63 10.22
CA PRO A 210 -2.81 24.05 10.14
C PRO A 210 -2.50 24.76 8.84
N ASP A 211 -1.42 24.38 8.16
CA ASP A 211 -0.91 25.21 7.06
C ASP A 211 -1.90 25.45 5.92
N PHE A 212 -2.69 24.43 5.61
CA PHE A 212 -3.67 24.48 4.52
C PHE A 212 -5.10 24.33 5.01
N ALA A 213 -5.31 24.56 6.31
CA ALA A 213 -6.66 24.53 6.86
C ALA A 213 -7.46 25.81 6.63
N ASP A 214 -6.83 26.87 6.13
CA ASP A 214 -7.55 28.13 5.89
C ASP A 214 -7.14 28.73 4.55
N LEU A 215 -7.97 28.43 3.55
CA LEU A 215 -7.76 28.90 2.18
C LEU A 215 -8.90 29.84 1.78
N PRO A 216 -8.69 30.63 0.71
CA PRO A 216 -9.72 31.50 0.16
C PRO A 216 -11.05 30.80 -0.08
N ARG A 217 -10.99 29.53 -0.47
CA ARG A 217 -12.18 28.69 -0.61
C ARG A 217 -11.82 27.21 -0.66
N LYS A 218 -12.80 26.40 -1.08
CA LYS A 218 -12.58 24.98 -1.33
C LYS A 218 -11.56 24.78 -2.46
N TYR A 219 -10.84 23.65 -2.39
CA TYR A 219 -9.70 23.35 -3.25
C TYR A 219 -9.69 21.86 -3.66
N LYS A 220 -9.83 21.63 -4.96
CA LYS A 220 -10.06 20.31 -5.50
C LYS A 220 -8.85 19.84 -6.30
N THR A 221 -8.46 18.59 -6.04
CA THR A 221 -7.25 18.03 -6.60
C THR A 221 -7.53 16.67 -7.28
N ALA A 222 -6.87 16.47 -8.43
CA ALA A 222 -6.92 15.21 -9.13
C ALA A 222 -5.51 14.71 -9.55
N ILE A 223 -5.20 13.44 -9.24
CA ILE A 223 -3.91 12.84 -9.61
C ILE A 223 -4.06 11.42 -10.20
N SER A 224 -3.64 11.22 -11.46
CA SER A 224 -3.79 9.91 -12.12
C SER A 224 -2.87 9.72 -13.33
N GLY A 225 -2.43 8.48 -13.56
CA GLY A 225 -1.72 8.11 -14.79
C GLY A 225 -2.64 7.73 -15.94
N LEU A 226 -3.94 8.00 -15.79
CA LEU A 226 -4.93 8.01 -16.89
C LEU A 226 -5.71 9.32 -16.82
N GLN A 227 -6.37 9.71 -17.90
CA GLN A 227 -7.31 10.84 -17.86
C GLN A 227 -8.71 10.32 -17.51
N ASP A 228 -8.88 9.80 -16.28
CA ASP A 228 -10.18 9.27 -15.81
C ASP A 228 -10.68 10.01 -14.56
N VAL A 229 -10.20 11.24 -14.37
CA VAL A 229 -10.46 12.03 -13.15
C VAL A 229 -10.89 13.48 -13.44
N ALA A 230 -11.53 13.70 -14.58
CA ALA A 230 -12.13 15.01 -14.89
C ALA A 230 -11.20 16.11 -14.45
N HIS A 231 -9.96 16.06 -14.92
CA HIS A 231 -8.94 16.95 -14.39
C HIS A 231 -9.15 18.36 -14.85
N GLU A 232 -9.63 18.50 -16.08
CA GLU A 232 -9.81 19.80 -16.70
C GLU A 232 -10.62 20.78 -15.84
N ILE A 233 -11.38 20.27 -14.88
CA ILE A 233 -12.22 21.11 -13.99
C ILE A 233 -11.85 21.04 -12.49
N ASN A 234 -10.62 20.62 -12.20
CA ASN A 234 -10.08 20.64 -10.83
C ASN A 234 -9.19 21.90 -10.62
N ASP A 235 -9.04 22.35 -9.38
CA ASP A 235 -8.16 23.49 -9.09
C ASP A 235 -6.72 23.19 -9.45
N VAL A 236 -6.33 21.93 -9.27
CA VAL A 236 -4.96 21.50 -9.59
C VAL A 236 -4.99 20.01 -10.02
N ALA A 237 -4.25 19.68 -11.07
CA ALA A 237 -4.23 18.30 -11.56
C ALA A 237 -2.83 17.85 -11.98
N PHE A 238 -2.50 16.62 -11.60
CA PHE A 238 -1.26 15.98 -12.03
C PHE A 238 -1.64 14.75 -12.85
N ILE A 239 -1.47 14.82 -14.17
CA ILE A 239 -1.93 13.77 -15.07
C ILE A 239 -0.74 13.16 -15.80
N GLY A 240 -0.65 11.84 -15.78
CA GLY A 240 0.49 11.09 -16.36
C GLY A 240 0.89 11.43 -17.78
N VAL A 241 2.21 11.42 -18.03
CA VAL A 241 2.77 11.49 -19.40
C VAL A 241 4.23 11.08 -19.46
N ASN A 242 4.61 10.50 -20.59
CA ASN A 242 6.00 10.14 -20.86
C ASN A 242 6.79 11.32 -21.39
N HIS A 243 7.70 11.87 -20.57
CA HIS A 243 8.61 12.89 -21.07
C HIS A 243 9.60 12.11 -21.95
N PRO A 244 9.85 12.60 -23.20
CA PRO A 244 10.72 11.85 -24.11
C PRO A 244 12.11 11.66 -23.55
N GLU A 245 12.61 12.64 -22.80
CA GLU A 245 13.90 12.50 -22.14
C GLU A 245 13.81 11.83 -20.77
N HIS A 246 12.83 12.24 -19.96
CA HIS A 246 12.86 11.93 -18.53
C HIS A 246 11.94 10.78 -18.14
N GLY A 247 11.16 10.26 -19.09
CA GLY A 247 10.32 9.09 -18.81
C GLY A 247 9.00 9.41 -18.13
N PRO A 248 8.37 8.41 -17.46
CA PRO A 248 7.03 8.62 -16.95
C PRO A 248 6.97 9.62 -15.81
N GLY A 249 5.98 10.50 -15.83
CA GLY A 249 5.82 11.52 -14.80
C GLY A 249 4.49 12.22 -14.97
N LEU A 250 4.34 13.39 -14.33
CA LEU A 250 3.02 14.01 -14.29
C LEU A 250 3.01 15.43 -14.85
N ASP A 251 2.12 15.66 -15.81
CA ASP A 251 1.93 16.99 -16.37
C ASP A 251 1.01 17.80 -15.44
N LEU A 252 1.34 19.07 -15.23
CA LEU A 252 0.67 19.88 -14.22
C LEU A 252 -0.37 20.77 -14.87
N TRP A 253 -1.60 20.69 -14.37
CA TRP A 253 -2.71 21.54 -14.77
C TRP A 253 -3.17 22.34 -13.56
N VAL A 254 -3.67 23.54 -13.82
CA VAL A 254 -4.12 24.46 -12.79
C VAL A 254 -5.28 25.32 -13.32
N GLY A 255 -6.19 25.73 -12.42
CA GLY A 255 -7.17 26.82 -12.68
C GLY A 255 -8.60 26.45 -13.05
N GLY A 256 -9.08 25.29 -12.59
CA GLY A 256 -10.34 24.71 -13.06
C GLY A 256 -11.52 24.86 -12.11
N GLY A 257 -12.73 24.74 -12.65
CA GLY A 257 -13.96 24.85 -11.86
C GLY A 257 -15.17 25.09 -12.74
N LEU A 258 -16.34 24.66 -12.28
CA LEU A 258 -17.60 24.91 -12.99
C LEU A 258 -18.65 25.36 -12.02
N SER A 259 -18.99 26.62 -11.96
CA SER A 259 -20.19 26.91 -11.19
C SER A 259 -21.05 27.75 -12.09
N THR A 260 -21.46 28.93 -11.54
CA THR A 260 -22.10 29.91 -12.36
C THR A 260 -21.13 30.38 -13.43
N ASN A 261 -19.83 30.32 -13.16
CA ASN A 261 -18.82 30.83 -14.10
C ASN A 261 -17.73 29.80 -14.47
N PRO A 262 -18.00 28.95 -15.47
CA PRO A 262 -17.14 27.80 -15.76
C PRO A 262 -15.84 28.19 -16.44
N MET A 263 -14.77 27.44 -16.15
CA MET A 263 -13.45 27.69 -16.74
C MET A 263 -12.60 26.40 -16.75
N LEU A 264 -12.04 26.08 -17.91
CA LEU A 264 -11.13 24.93 -18.04
C LEU A 264 -9.76 25.23 -17.40
N ALA A 265 -9.30 24.31 -16.57
CA ALA A 265 -7.92 24.36 -16.09
C ALA A 265 -6.96 24.21 -17.27
N GLN A 266 -5.79 24.84 -17.13
CA GLN A 266 -4.83 25.01 -18.22
C GLN A 266 -3.44 24.51 -17.84
N ARG A 267 -2.74 23.96 -18.84
CA ARG A 267 -1.40 23.43 -18.65
C ARG A 267 -0.39 24.49 -18.20
N VAL A 268 0.30 24.20 -17.12
CA VAL A 268 1.41 25.04 -16.70
C VAL A 268 2.61 24.88 -17.64
N GLY A 269 2.62 23.78 -18.41
CA GLY A 269 3.69 23.46 -19.35
C GLY A 269 4.82 22.66 -18.72
N ALA A 270 4.52 22.02 -17.58
CA ALA A 270 5.54 21.44 -16.72
C ALA A 270 5.40 19.92 -16.61
N TRP A 271 6.55 19.26 -16.46
CA TRP A 271 6.65 17.81 -16.16
C TRP A 271 7.21 17.66 -14.74
N VAL A 272 6.59 16.81 -13.94
CA VAL A 272 6.97 16.64 -12.55
C VAL A 272 7.15 15.15 -12.23
N PRO A 273 8.36 14.74 -11.81
CA PRO A 273 8.55 13.31 -11.55
C PRO A 273 7.75 12.91 -10.30
N LEU A 274 7.35 11.66 -10.20
CA LEU A 274 6.46 11.25 -9.12
C LEU A 274 6.91 11.70 -7.70
N GLY A 275 8.22 11.64 -7.43
CA GLY A 275 8.78 12.02 -6.14
C GLY A 275 8.56 13.47 -5.72
N GLU A 276 8.46 14.38 -6.69
CA GLU A 276 8.35 15.81 -6.44
C GLU A 276 6.87 16.29 -6.41
N VAL A 277 5.92 15.37 -6.61
CA VAL A 277 4.50 15.75 -6.74
C VAL A 277 3.92 16.36 -5.47
N PRO A 278 4.06 15.67 -4.32
CA PRO A 278 3.60 16.26 -3.05
C PRO A 278 4.14 17.68 -2.78
N GLU A 279 5.41 17.88 -3.12
CA GLU A 279 6.13 19.15 -2.96
C GLU A 279 5.50 20.27 -3.82
N VAL A 280 5.32 19.95 -5.08
CA VAL A 280 4.79 20.89 -6.05
C VAL A 280 3.34 21.19 -5.70
N TRP A 281 2.61 20.14 -5.28
CA TRP A 281 1.21 20.31 -4.87
C TRP A 281 1.15 21.34 -3.75
N ALA A 282 2.05 21.22 -2.78
CA ALA A 282 2.09 22.13 -1.64
C ALA A 282 2.30 23.58 -2.11
N ALA A 283 3.21 23.76 -3.06
CA ALA A 283 3.56 25.07 -3.55
C ALA A 283 2.38 25.74 -4.27
N VAL A 284 1.65 24.97 -5.06
CA VAL A 284 0.46 25.50 -5.75
C VAL A 284 -0.60 25.90 -4.72
N THR A 285 -0.87 25.00 -3.78
CA THR A 285 -1.82 25.27 -2.71
C THR A 285 -1.40 26.51 -1.92
N SER A 286 -0.08 26.69 -1.75
CA SER A 286 0.47 27.83 -0.98
C SER A 286 0.25 29.15 -1.71
N VAL A 287 0.39 29.13 -3.04
CA VAL A 287 0.07 30.32 -3.81
C VAL A 287 -1.40 30.68 -3.63
N PHE A 288 -2.27 29.68 -3.73
CA PHE A 288 -3.71 29.88 -3.52
C PHE A 288 -3.93 30.60 -2.19
N ARG A 289 -3.40 30.03 -1.11
CA ARG A 289 -3.61 30.58 0.23
C ARG A 289 -3.16 32.04 0.30
N ASP A 290 -1.98 32.31 -0.25
CA ASP A 290 -1.34 33.62 -0.09
C ASP A 290 -1.85 34.70 -1.09
N TYR A 291 -2.21 34.29 -2.30
CA TYR A 291 -2.60 35.25 -3.35
C TYR A 291 -4.06 35.12 -3.86
N GLY A 292 -4.77 34.07 -3.43
CA GLY A 292 -6.18 33.94 -3.77
C GLY A 292 -7.03 35.04 -3.14
N TYR A 293 -8.09 35.43 -3.85
CA TYR A 293 -8.97 36.52 -3.41
C TYR A 293 -9.81 36.09 -2.20
N ARG A 294 -10.00 37.00 -1.25
CA ARG A 294 -10.76 36.70 -0.01
C ARG A 294 -11.76 37.83 0.34
N ARG A 295 -12.32 38.42 -0.72
CA ARG A 295 -13.21 39.56 -0.63
C ARG A 295 -14.66 39.16 -1.00
N LEU A 296 -14.92 38.93 -2.29
CA LEU A 296 -16.22 38.40 -2.72
C LEU A 296 -16.22 36.87 -2.56
N ARG A 297 -17.22 36.37 -1.84
CA ARG A 297 -17.41 34.92 -1.63
C ARG A 297 -17.53 34.13 -2.92
N ALA A 298 -18.20 34.70 -3.92
CA ALA A 298 -18.31 34.07 -5.23
C ALA A 298 -17.20 34.48 -6.22
N LYS A 299 -16.15 35.15 -5.72
CA LYS A 299 -15.00 35.51 -6.57
C LYS A 299 -13.71 35.17 -5.82
N ALA A 300 -13.75 34.04 -5.10
CA ALA A 300 -12.67 33.63 -4.20
C ALA A 300 -11.82 32.48 -4.75
N ARG A 301 -12.35 31.73 -5.70
CA ARG A 301 -11.73 30.47 -6.14
C ARG A 301 -10.54 30.66 -7.07
N LEU A 302 -9.66 29.67 -7.08
CA LEU A 302 -8.40 29.77 -7.79
C LEU A 302 -8.57 30.08 -9.27
N LYS A 303 -9.61 29.54 -9.91
CA LYS A 303 -9.87 29.79 -11.33
C LYS A 303 -9.80 31.30 -11.71
N PHE A 304 -10.27 32.15 -10.80
CA PHE A 304 -10.33 33.59 -11.01
C PHE A 304 -8.92 34.23 -11.04
N LEU A 305 -8.15 33.95 -9.98
CA LEU A 305 -6.74 34.35 -9.88
C LEU A 305 -5.97 33.98 -11.14
N ILE A 306 -6.23 32.76 -11.63
CA ILE A 306 -5.59 32.25 -12.84
C ILE A 306 -6.10 32.96 -14.08
N LYS A 307 -7.38 33.36 -14.06
CA LYS A 307 -7.92 34.17 -15.17
C LYS A 307 -7.23 35.54 -15.25
N ASP A 308 -7.08 36.21 -14.11
CA ASP A 308 -6.45 37.52 -14.05
C ASP A 308 -4.95 37.48 -14.40
N TRP A 309 -4.17 36.70 -13.65
CA TRP A 309 -2.71 36.59 -13.84
C TRP A 309 -2.26 36.07 -15.20
N GLY A 310 -2.87 34.97 -15.64
CA GLY A 310 -2.35 34.17 -16.75
C GLY A 310 -1.36 33.14 -16.23
N ILE A 311 -1.19 32.06 -16.99
CA ILE A 311 -0.29 30.96 -16.62
C ILE A 311 1.19 31.38 -16.45
N ALA A 312 1.74 32.12 -17.41
CA ALA A 312 3.13 32.62 -17.33
C ALA A 312 3.41 33.28 -15.98
N LYS A 313 2.59 34.28 -15.65
CA LYS A 313 2.77 34.99 -14.39
C LYS A 313 2.69 34.02 -13.16
N PHE A 314 1.79 33.04 -13.24
CA PHE A 314 1.58 32.10 -12.13
C PHE A 314 2.78 31.15 -11.97
N ARG A 315 3.24 30.57 -13.07
CA ARG A 315 4.40 29.70 -13.09
C ARG A 315 5.60 30.39 -12.46
N GLU A 316 5.83 31.64 -12.87
CA GLU A 316 6.87 32.49 -12.33
C GLU A 316 6.81 32.58 -10.80
N VAL A 317 5.63 32.91 -10.28
CA VAL A 317 5.44 33.08 -8.84
C VAL A 317 5.61 31.78 -8.06
N LEU A 318 5.20 30.69 -8.70
CA LEU A 318 5.32 29.37 -8.10
C LEU A 318 6.79 29.05 -7.95
N GLU A 319 7.53 29.14 -9.06
CA GLU A 319 8.96 28.79 -9.09
C GLU A 319 9.88 29.69 -8.27
N THR A 320 9.61 31.00 -8.25
CA THR A 320 10.53 31.93 -7.61
C THR A 320 10.22 32.22 -6.15
N GLU A 321 8.94 32.27 -5.78
CA GLU A 321 8.60 32.58 -4.41
C GLU A 321 8.46 31.35 -3.55
N TYR A 322 8.00 30.23 -4.11
CA TYR A 322 7.68 29.03 -3.29
C TYR A 322 8.64 27.82 -3.50
N LEU A 323 8.89 27.42 -4.74
CA LEU A 323 9.79 26.28 -5.00
C LEU A 323 11.26 26.68 -4.92
N LYS A 324 11.54 27.96 -5.17
CA LYS A 324 12.91 28.47 -5.36
C LYS A 324 13.65 27.68 -6.44
N ARG A 325 12.96 27.21 -7.47
CA ARG A 325 13.63 26.51 -8.58
C ARG A 325 12.72 26.41 -9.82
N PRO A 326 13.33 26.22 -11.01
CA PRO A 326 12.46 26.05 -12.17
C PRO A 326 11.78 24.68 -12.18
N LEU A 327 10.64 24.58 -12.87
CA LEU A 327 10.04 23.30 -13.20
C LEU A 327 10.57 22.92 -14.56
N ILE A 328 10.69 21.61 -14.79
CA ILE A 328 11.11 21.09 -16.09
C ILE A 328 9.94 21.27 -17.07
N ASP A 329 10.24 21.70 -18.30
CA ASP A 329 9.24 21.81 -19.36
C ASP A 329 8.79 20.41 -19.76
N GLY A 330 7.51 20.28 -20.14
CA GLY A 330 7.00 18.99 -20.58
C GLY A 330 5.85 19.13 -21.55
N PRO A 331 5.57 18.07 -22.31
CA PRO A 331 4.41 18.04 -23.19
C PRO A 331 3.09 17.70 -22.50
N ALA A 332 2.02 17.91 -23.25
CA ALA A 332 0.69 17.45 -22.91
C ALA A 332 0.54 16.05 -23.45
N PRO A 333 -0.28 15.23 -22.78
CA PRO A 333 -0.60 13.91 -23.34
C PRO A 333 -1.73 14.04 -24.32
N GLU A 334 -1.84 13.11 -25.27
CA GLU A 334 -2.92 13.16 -26.27
C GLU A 334 -4.27 13.10 -25.57
N PRO A 335 -5.08 14.17 -25.69
CA PRO A 335 -6.38 14.13 -25.02
C PRO A 335 -7.18 12.94 -25.54
N VAL A 336 -7.87 12.23 -24.67
CA VAL A 336 -8.59 11.03 -25.08
C VAL A 336 -9.81 11.42 -25.88
N LYS A 337 -10.27 10.51 -26.73
CA LYS A 337 -11.46 10.78 -27.55
C LYS A 337 -12.71 10.66 -26.67
N HIS A 338 -12.88 9.47 -26.09
CA HIS A 338 -14.00 9.15 -25.22
C HIS A 338 -13.51 9.21 -23.76
N PRO A 339 -14.42 9.46 -22.81
CA PRO A 339 -14.00 9.39 -21.41
C PRO A 339 -13.78 7.95 -20.93
N ILE A 340 -13.06 7.79 -19.83
CA ILE A 340 -12.85 6.50 -19.19
C ILE A 340 -13.63 6.42 -17.88
N ASP A 341 -14.73 5.67 -17.88
CA ASP A 341 -15.48 5.47 -16.64
C ASP A 341 -15.19 4.12 -15.96
N HIS A 342 -14.44 3.26 -16.63
CA HIS A 342 -14.09 1.93 -16.11
C HIS A 342 -15.27 1.02 -15.83
N VAL A 343 -16.39 1.23 -16.47
CA VAL A 343 -17.52 0.33 -16.31
C VAL A 343 -17.36 -0.96 -17.15
N GLY A 344 -17.72 -2.12 -16.56
CA GLY A 344 -17.57 -3.40 -17.26
C GLY A 344 -16.34 -4.13 -16.78
N VAL A 345 -15.93 -5.16 -17.52
CA VAL A 345 -14.82 -6.02 -17.09
C VAL A 345 -13.58 -5.67 -17.86
N GLN A 346 -12.43 -5.60 -17.17
CA GLN A 346 -11.14 -5.39 -17.84
C GLN A 346 -10.01 -6.20 -17.20
N ARG A 347 -8.99 -6.49 -18.00
CA ARG A 347 -7.85 -7.27 -17.58
C ARG A 347 -6.82 -6.36 -16.90
N LEU A 348 -6.15 -6.92 -15.89
CA LEU A 348 -5.26 -6.18 -15.04
C LEU A 348 -3.83 -6.69 -15.12
N LYS A 349 -2.87 -5.80 -14.80
CA LYS A 349 -1.47 -6.17 -14.68
C LYS A 349 -1.29 -7.38 -13.75
N ASN A 350 -2.12 -7.50 -12.71
CA ASN A 350 -2.21 -8.72 -11.86
C ASN A 350 -2.31 -10.00 -12.68
N GLY A 351 -2.95 -9.89 -13.83
CA GLY A 351 -3.49 -11.05 -14.51
C GLY A 351 -4.92 -11.35 -14.11
N LEU A 352 -5.42 -10.71 -13.06
CA LEU A 352 -6.80 -10.87 -12.63
C LEU A 352 -7.71 -9.88 -13.38
N ASN A 353 -8.94 -9.67 -12.88
CA ASN A 353 -9.87 -8.76 -13.52
C ASN A 353 -10.36 -7.67 -12.62
N ALA A 354 -10.68 -6.54 -13.22
CA ALA A 354 -11.47 -5.49 -12.59
C ALA A 354 -12.88 -5.45 -13.20
N VAL A 355 -13.89 -5.27 -12.36
CA VAL A 355 -15.28 -5.24 -12.76
C VAL A 355 -15.89 -3.92 -12.28
N GLY A 356 -16.35 -3.08 -13.20
CA GLY A 356 -17.01 -1.82 -12.82
C GLY A 356 -18.53 -1.93 -12.91
N VAL A 357 -19.24 -1.40 -11.92
CA VAL A 357 -20.69 -1.48 -11.91
C VAL A 357 -21.30 -0.11 -11.82
N ALA A 358 -22.52 -0.02 -12.34
CA ALA A 358 -23.18 1.27 -12.50
C ALA A 358 -24.48 1.26 -11.75
N PRO A 359 -24.49 1.94 -10.59
CA PRO A 359 -25.77 2.19 -9.97
C PRO A 359 -26.47 3.29 -10.77
N ILE A 360 -27.53 3.87 -10.21
CA ILE A 360 -28.21 4.97 -10.83
C ILE A 360 -27.83 6.25 -10.07
N ALA A 361 -26.96 7.05 -10.67
CA ALA A 361 -26.54 8.32 -10.13
C ALA A 361 -26.03 8.17 -8.71
N GLY A 362 -25.18 7.16 -8.48
CA GLY A 362 -24.51 7.01 -7.18
C GLY A 362 -25.33 6.42 -6.04
N ARG A 363 -26.62 6.18 -6.26
CA ARG A 363 -27.52 5.78 -5.17
C ARG A 363 -27.37 4.32 -4.82
N VAL A 364 -26.88 4.05 -3.62
CA VAL A 364 -26.84 2.70 -3.06
C VAL A 364 -27.44 2.74 -1.64
N SER A 365 -26.89 1.98 -0.69
CA SER A 365 -27.40 1.91 0.69
C SER A 365 -26.47 1.07 1.56
N GLY A 366 -26.65 1.20 2.87
CA GLY A 366 -25.87 0.46 3.85
C GLY A 366 -25.94 -1.00 3.51
N THR A 367 -27.17 -1.51 3.41
CA THR A 367 -27.42 -2.91 3.06
C THR A 367 -26.67 -3.33 1.83
N ILE A 368 -26.61 -2.44 0.83
CA ILE A 368 -25.93 -2.78 -0.43
C ILE A 368 -24.41 -2.82 -0.26
N LEU A 369 -23.87 -1.79 0.39
CA LEU A 369 -22.42 -1.72 0.59
C LEU A 369 -21.94 -2.95 1.37
N THR A 370 -22.74 -3.37 2.35
CA THR A 370 -22.37 -4.50 3.16
C THR A 370 -22.49 -5.74 2.29
N ALA A 371 -23.54 -5.78 1.47
CA ALA A 371 -23.74 -6.91 0.56
C ALA A 371 -22.55 -7.12 -0.39
N VAL A 372 -22.02 -6.01 -0.89
CA VAL A 372 -20.86 -6.00 -1.80
C VAL A 372 -19.61 -6.50 -1.07
N ALA A 373 -19.46 -6.12 0.20
CA ALA A 373 -18.31 -6.56 0.98
C ALA A 373 -18.24 -8.08 1.07
N ASP A 374 -19.39 -8.73 1.23
CA ASP A 374 -19.45 -10.21 1.32
C ASP A 374 -19.21 -10.89 -0.01
N LEU A 375 -19.68 -10.25 -1.09
CA LEU A 375 -19.36 -10.69 -2.45
C LEU A 375 -17.86 -10.60 -2.69
N MET A 376 -17.24 -9.52 -2.24
CA MET A 376 -15.80 -9.40 -2.35
C MET A 376 -15.07 -10.55 -1.64
N ALA A 377 -15.54 -10.91 -0.45
CA ALA A 377 -14.92 -12.00 0.32
C ALA A 377 -15.08 -13.31 -0.42
N ARG A 378 -16.31 -13.60 -0.88
CA ARG A 378 -16.52 -14.79 -1.76
C ARG A 378 -15.57 -14.84 -2.96
N ALA A 379 -15.14 -13.69 -3.46
CA ALA A 379 -14.31 -13.65 -4.65
C ALA A 379 -12.82 -13.51 -4.31
N GLY A 380 -12.51 -13.38 -3.02
CA GLY A 380 -11.13 -13.30 -2.58
C GLY A 380 -10.48 -11.95 -2.79
N SER A 381 -11.30 -10.90 -2.87
CA SER A 381 -10.82 -9.53 -3.13
C SER A 381 -10.92 -8.63 -1.93
N ASP A 382 -9.88 -7.83 -1.71
CA ASP A 382 -9.82 -6.85 -0.63
C ASP A 382 -9.61 -5.44 -1.14
N ARG A 383 -9.82 -5.20 -2.44
CA ARG A 383 -9.77 -3.82 -2.99
C ARG A 383 -10.94 -3.45 -3.89
N ILE A 384 -11.56 -2.32 -3.56
CA ILE A 384 -12.65 -1.72 -4.31
C ILE A 384 -12.36 -0.21 -4.37
N ARG A 385 -12.81 0.42 -5.45
CA ARG A 385 -12.63 1.85 -5.64
C ARG A 385 -13.96 2.52 -6.01
N PHE A 386 -14.22 3.70 -5.45
CA PHE A 386 -15.30 4.53 -5.97
C PHE A 386 -14.77 5.38 -7.14
N THR A 387 -15.66 5.84 -8.01
CA THR A 387 -15.33 6.45 -9.32
C THR A 387 -15.67 7.93 -9.33
N PRO A 388 -14.90 8.75 -10.04
CA PRO A 388 -15.39 10.13 -10.24
C PRO A 388 -16.63 10.28 -11.13
N TYR A 389 -17.31 9.18 -11.45
CA TYR A 389 -18.56 9.22 -12.22
C TYR A 389 -19.67 8.51 -11.48
N GLN A 390 -19.51 8.47 -10.15
CA GLN A 390 -20.47 7.93 -9.19
C GLN A 390 -20.70 6.43 -9.37
N LYS A 391 -19.61 5.71 -9.64
CA LYS A 391 -19.65 4.28 -9.90
C LYS A 391 -18.71 3.57 -8.96
N LEU A 392 -18.72 2.24 -8.97
CA LEU A 392 -17.71 1.51 -8.20
C LEU A 392 -17.10 0.35 -8.96
N VAL A 393 -15.81 0.14 -8.72
CA VAL A 393 -15.11 -0.98 -9.32
C VAL A 393 -14.36 -1.83 -8.30
N ILE A 394 -14.48 -3.14 -8.45
CA ILE A 394 -13.82 -4.15 -7.60
C ILE A 394 -12.61 -4.74 -8.32
N LEU A 395 -11.44 -4.79 -7.67
CA LEU A 395 -10.25 -5.37 -8.29
C LEU A 395 -9.99 -6.83 -7.86
N ASP A 396 -9.02 -7.46 -8.53
CA ASP A 396 -8.50 -8.77 -8.16
C ASP A 396 -9.57 -9.86 -8.19
N ILE A 397 -10.41 -9.84 -9.21
CA ILE A 397 -11.38 -10.91 -9.46
C ILE A 397 -10.72 -11.93 -10.41
N PRO A 398 -10.43 -13.15 -9.92
CA PRO A 398 -9.94 -14.19 -10.83
C PRO A 398 -11.04 -14.71 -11.78
N ASP A 399 -10.60 -15.19 -12.94
CA ASP A 399 -11.52 -15.67 -13.98
C ASP A 399 -12.54 -16.70 -13.51
N ALA A 400 -12.09 -17.66 -12.71
CA ALA A 400 -12.99 -18.70 -12.20
C ALA A 400 -14.24 -18.14 -11.48
N LEU A 401 -14.06 -17.04 -10.76
CA LEU A 401 -15.05 -16.52 -9.85
C LEU A 401 -15.81 -15.35 -10.45
N LEU A 402 -15.42 -14.95 -11.66
CA LEU A 402 -15.94 -13.74 -12.26
C LEU A 402 -17.44 -13.80 -12.41
N ASP A 403 -17.92 -14.81 -13.12
CA ASP A 403 -19.35 -14.92 -13.41
C ASP A 403 -20.23 -14.83 -12.18
N ASP A 404 -19.87 -15.58 -11.12
CA ASP A 404 -20.64 -15.54 -9.87
C ASP A 404 -20.72 -14.16 -9.26
N LEU A 405 -19.58 -13.46 -9.16
CA LEU A 405 -19.59 -12.06 -8.74
C LEU A 405 -20.56 -11.19 -9.56
N ILE A 406 -20.40 -11.19 -10.88
CA ILE A 406 -21.28 -10.39 -11.75
C ILE A 406 -22.76 -10.62 -11.39
N ALA A 407 -23.15 -11.89 -11.21
CA ALA A 407 -24.55 -12.22 -10.96
C ALA A 407 -25.01 -11.66 -9.61
N GLY A 408 -24.22 -11.90 -8.57
CA GLY A 408 -24.47 -11.29 -7.27
C GLY A 408 -24.68 -9.78 -7.33
N LEU A 409 -23.82 -9.10 -8.11
CA LEU A 409 -23.86 -7.66 -8.25
C LEU A 409 -25.15 -7.22 -8.93
N ASP A 410 -25.52 -7.94 -9.97
CA ASP A 410 -26.82 -7.72 -10.66
C ASP A 410 -28.00 -7.85 -9.70
N ALA A 411 -28.00 -8.91 -8.90
CA ALA A 411 -29.08 -9.13 -7.96
C ALA A 411 -29.24 -7.97 -6.96
N LEU A 412 -28.18 -7.20 -6.71
CA LEU A 412 -28.26 -5.95 -5.92
C LEU A 412 -28.55 -4.71 -6.76
N GLY A 413 -28.70 -4.86 -8.08
CA GLY A 413 -28.96 -3.72 -8.97
C GLY A 413 -27.71 -2.94 -9.38
N LEU A 414 -26.55 -3.58 -9.26
CA LEU A 414 -25.29 -2.98 -9.69
C LEU A 414 -24.79 -3.68 -10.96
N GLN A 415 -25.09 -3.06 -12.11
CA GLN A 415 -24.91 -3.72 -13.42
C GLN A 415 -23.55 -3.43 -13.96
N SER A 416 -22.84 -4.47 -14.39
CA SER A 416 -21.59 -4.31 -15.10
C SER A 416 -21.81 -4.15 -16.61
N ARG A 417 -23.03 -4.48 -17.04
CA ARG A 417 -23.46 -4.23 -18.42
C ARG A 417 -24.73 -3.39 -18.42
N PRO A 418 -24.60 -2.12 -18.05
CA PRO A 418 -25.80 -1.29 -18.05
C PRO A 418 -26.14 -0.79 -19.44
N SER A 419 -27.35 -0.30 -19.60
CA SER A 419 -27.75 0.45 -20.77
C SER A 419 -26.96 1.76 -20.79
N HIS A 420 -26.86 2.35 -21.97
CA HIS A 420 -26.26 3.67 -22.17
C HIS A 420 -26.67 4.65 -21.11
N TRP A 421 -28.00 4.70 -20.95
CA TRP A 421 -28.68 5.65 -20.09
C TRP A 421 -28.30 5.51 -18.65
N ARG A 422 -28.37 4.30 -18.14
CA ARG A 422 -27.98 4.05 -16.75
C ARG A 422 -26.49 4.30 -16.54
N ARG A 423 -25.72 3.96 -17.56
CA ARG A 423 -24.30 4.09 -17.52
C ARG A 423 -23.86 5.51 -17.46
N ASN A 424 -24.45 6.33 -18.33
CA ASN A 424 -23.92 7.65 -18.59
C ASN A 424 -24.63 8.82 -17.90
N LEU A 425 -25.55 8.55 -16.99
CA LEU A 425 -26.30 9.61 -16.35
C LEU A 425 -25.68 9.94 -14.99
N MET A 426 -25.57 11.21 -14.67
CA MET A 426 -25.27 11.62 -13.31
C MET A 426 -26.31 12.62 -12.83
N ALA A 427 -26.45 12.71 -11.51
CA ALA A 427 -27.33 13.68 -10.88
C ALA A 427 -26.73 14.05 -9.55
N CYS A 428 -27.06 15.23 -9.06
CA CYS A 428 -26.62 15.69 -7.74
C CYS A 428 -27.66 15.24 -6.72
N SER A 429 -27.53 15.74 -5.50
CA SER A 429 -28.46 15.36 -4.42
C SER A 429 -29.86 15.97 -4.63
N GLY A 430 -29.87 17.26 -4.94
CA GLY A 430 -31.12 17.96 -5.22
C GLY A 430 -31.97 18.13 -3.98
N ILE A 431 -33.20 18.59 -4.23
CA ILE A 431 -34.09 19.08 -3.18
C ILE A 431 -34.48 18.05 -2.10
N GLU A 432 -34.21 16.77 -2.33
CA GLU A 432 -34.41 15.70 -1.31
C GLU A 432 -33.61 15.94 0.00
N PHE A 433 -32.46 16.60 -0.10
CA PHE A 433 -31.58 16.83 1.05
C PHE A 433 -30.82 18.17 1.01
N CYS A 434 -30.71 18.78 -0.16
CA CYS A 434 -29.87 19.96 -0.33
C CYS A 434 -30.63 21.28 -0.13
N LYS A 435 -30.02 22.22 0.61
CA LYS A 435 -30.67 23.50 0.91
C LYS A 435 -30.62 24.52 -0.24
N LEU A 436 -29.86 24.24 -1.29
CA LEU A 436 -29.71 25.20 -2.40
C LEU A 436 -30.37 24.80 -3.72
N SER A 437 -31.12 23.69 -3.69
CA SER A 437 -31.79 23.12 -4.89
C SER A 437 -33.19 23.66 -5.15
N PHE A 438 -33.52 23.78 -6.43
CA PHE A 438 -34.87 24.16 -6.87
C PHE A 438 -35.66 22.94 -7.39
N ALA A 439 -34.94 21.83 -7.59
CA ALA A 439 -35.55 20.61 -8.13
C ALA A 439 -34.96 19.34 -7.53
N GLU A 440 -35.74 18.28 -7.75
CA GLU A 440 -35.39 16.94 -7.34
C GLU A 440 -34.54 16.28 -8.44
N THR A 441 -33.49 15.59 -8.04
CA THR A 441 -32.51 15.07 -8.98
C THR A 441 -32.20 13.59 -8.77
N ARG A 442 -31.76 13.21 -7.56
CA ARG A 442 -31.33 11.83 -7.34
C ARG A 442 -32.49 10.84 -7.37
N VAL A 443 -33.65 11.23 -6.86
CA VAL A 443 -34.82 10.36 -6.89
C VAL A 443 -35.43 10.29 -8.31
N ARG A 444 -35.50 11.45 -8.95
CA ARG A 444 -35.97 11.55 -10.33
C ARG A 444 -35.23 10.55 -11.21
N ALA A 445 -33.91 10.60 -11.11
CA ALA A 445 -33.01 9.73 -11.87
C ALA A 445 -33.35 8.28 -11.71
N GLN A 446 -33.84 7.90 -10.53
CA GLN A 446 -34.17 6.49 -10.27
C GLN A 446 -35.33 5.99 -11.12
N HIS A 447 -36.21 6.92 -11.48
CA HIS A 447 -37.35 6.63 -12.36
C HIS A 447 -37.04 6.91 -13.81
N LEU A 448 -36.11 7.84 -14.05
CA LEU A 448 -35.90 8.38 -15.38
C LEU A 448 -35.09 7.44 -16.23
N VAL A 449 -34.06 6.83 -15.63
CA VAL A 449 -33.21 5.85 -16.31
C VAL A 449 -34.04 4.69 -16.91
N PRO A 450 -34.86 4.00 -16.09
CA PRO A 450 -35.80 2.98 -16.60
C PRO A 450 -36.74 3.47 -17.70
N GLU A 451 -37.36 4.63 -17.48
CA GLU A 451 -38.21 5.24 -18.53
C GLU A 451 -37.47 5.31 -19.86
N LEU A 452 -36.32 5.99 -19.85
CA LEU A 452 -35.46 6.12 -21.02
C LEU A 452 -35.08 4.77 -21.61
N GLU A 453 -34.71 3.84 -20.73
CA GLU A 453 -34.32 2.50 -21.14
C GLU A 453 -35.38 1.82 -22.00
N ARG A 454 -36.62 1.80 -21.54
CA ARG A 454 -37.71 1.15 -22.27
C ARG A 454 -38.30 2.04 -23.38
N ARG A 455 -38.37 3.33 -23.12
CA ARG A 455 -38.94 4.28 -24.08
C ARG A 455 -38.13 4.43 -25.38
N LEU A 456 -36.83 4.17 -25.32
CA LEU A 456 -35.93 4.34 -26.44
C LEU A 456 -35.25 3.04 -26.80
N GLU A 457 -35.81 1.91 -26.38
CA GLU A 457 -35.27 0.61 -26.76
C GLU A 457 -35.42 0.43 -28.29
N ASP A 458 -36.61 0.76 -28.77
CA ASP A 458 -36.89 1.20 -30.15
C ASP A 458 -35.65 1.47 -31.02
N ILE A 459 -34.81 2.39 -30.53
CA ILE A 459 -33.72 2.99 -31.29
C ILE A 459 -32.32 2.55 -30.85
N ASN A 460 -32.25 1.87 -29.71
CA ASN A 460 -30.96 1.51 -29.08
C ASN A 460 -29.94 0.85 -30.02
N SER A 461 -30.45 0.03 -30.94
CA SER A 461 -29.65 -0.56 -32.02
C SER A 461 -28.67 0.46 -32.67
N GLN A 462 -29.17 1.67 -32.95
CA GLN A 462 -28.40 2.71 -33.65
C GLN A 462 -27.36 3.44 -32.80
N LEU A 463 -27.49 3.34 -31.49
CA LEU A 463 -26.73 4.24 -30.62
C LEU A 463 -25.34 3.72 -30.33
N ASP A 464 -24.53 3.74 -31.39
CA ASP A 464 -23.12 3.35 -31.32
C ASP A 464 -22.27 4.30 -30.48
N VAL A 465 -22.85 5.43 -30.06
CA VAL A 465 -22.12 6.47 -29.38
C VAL A 465 -22.92 6.91 -28.16
N PRO A 466 -22.25 7.13 -27.02
CA PRO A 466 -22.96 7.38 -25.74
C PRO A 466 -23.38 8.84 -25.56
N ILE A 467 -24.59 9.05 -25.03
CA ILE A 467 -25.11 10.40 -24.72
C ILE A 467 -25.14 10.65 -23.22
N THR A 468 -24.16 11.37 -22.73
CA THR A 468 -24.06 11.68 -21.30
C THR A 468 -25.16 12.66 -20.89
N VAL A 469 -25.77 12.43 -19.74
CA VAL A 469 -26.88 13.24 -19.24
C VAL A 469 -26.62 13.57 -17.78
N ASN A 470 -26.52 14.86 -17.46
CA ASN A 470 -26.25 15.30 -16.08
C ASN A 470 -27.38 16.18 -15.55
N ILE A 471 -27.99 15.77 -14.43
CA ILE A 471 -29.11 16.48 -13.82
C ILE A 471 -28.68 17.18 -12.53
N ASN A 472 -28.68 18.50 -12.56
CA ASN A 472 -28.26 19.31 -11.41
C ASN A 472 -29.46 20.08 -10.86
N GLY A 473 -29.55 20.17 -9.52
CA GLY A 473 -30.68 20.84 -8.84
C GLY A 473 -30.59 22.37 -8.67
N CYS A 474 -29.46 22.94 -9.10
CA CYS A 474 -29.23 24.39 -9.03
C CYS A 474 -27.95 24.72 -9.82
N PRO A 475 -27.60 26.02 -9.92
CA PRO A 475 -26.50 26.43 -10.81
C PRO A 475 -25.06 26.10 -10.36
N ASN A 476 -24.90 25.66 -9.11
CA ASN A 476 -23.57 25.25 -8.58
C ASN A 476 -22.86 24.15 -9.40
N SER A 477 -23.62 23.35 -10.14
CA SER A 477 -23.08 22.39 -11.13
C SER A 477 -22.27 21.22 -10.50
N CYS A 478 -22.76 20.68 -9.38
CA CYS A 478 -22.14 19.54 -8.69
C CYS A 478 -22.07 18.27 -9.50
N ALA A 479 -23.05 18.09 -10.39
CA ALA A 479 -23.10 16.94 -11.28
C ALA A 479 -22.70 17.38 -12.67
N ARG A 480 -21.91 18.45 -12.76
CA ARG A 480 -21.23 18.84 -14.00
C ARG A 480 -22.18 19.11 -15.18
N ILE A 481 -22.89 20.23 -15.10
CA ILE A 481 -23.86 20.68 -16.13
C ILE A 481 -23.24 20.92 -17.52
N GLN A 482 -22.13 21.64 -17.52
CA GLN A 482 -21.64 22.27 -18.74
C GLN A 482 -20.80 21.32 -19.55
N ILE A 483 -20.62 20.10 -19.06
CA ILE A 483 -19.76 19.16 -19.75
C ILE A 483 -20.49 17.86 -20.03
N ALA A 484 -21.79 17.96 -20.30
CA ALA A 484 -22.62 16.79 -20.61
C ALA A 484 -23.11 17.03 -22.00
N ASP A 485 -23.39 15.95 -22.73
CA ASP A 485 -24.08 16.08 -23.99
C ASP A 485 -25.43 16.73 -23.72
N ILE A 486 -26.15 16.26 -22.69
CA ILE A 486 -27.36 16.90 -22.24
C ILE A 486 -27.26 17.25 -20.76
N GLY A 487 -27.04 18.53 -20.45
CA GLY A 487 -26.92 18.98 -19.07
C GLY A 487 -28.19 19.71 -18.68
N PHE A 488 -28.62 19.52 -17.44
CA PHE A 488 -29.82 20.18 -16.94
C PHE A 488 -29.48 21.00 -15.71
N LYS A 489 -29.82 22.29 -15.75
CA LYS A 489 -29.62 23.20 -14.61
C LYS A 489 -30.97 23.53 -14.03
N GLY A 490 -31.24 23.00 -12.85
CA GLY A 490 -32.51 23.22 -12.17
C GLY A 490 -32.70 24.66 -11.75
N GLN A 491 -33.88 25.20 -12.04
CA GLN A 491 -34.28 26.55 -11.62
C GLN A 491 -35.79 26.60 -11.55
N MET A 492 -36.32 27.66 -10.95
CA MET A 492 -37.77 27.87 -10.92
C MET A 492 -38.21 28.47 -12.23
N ILE A 493 -39.38 28.02 -12.71
CA ILE A 493 -39.99 28.54 -13.93
C ILE A 493 -41.49 28.81 -13.74
N ASP A 494 -42.16 29.36 -14.76
CA ASP A 494 -43.59 29.73 -14.65
C ASP A 494 -44.44 29.15 -15.81
N ASP A 495 -45.67 28.74 -15.49
CA ASP A 495 -46.70 28.39 -16.51
C ASP A 495 -48.12 28.81 -16.06
N GLY A 496 -48.90 29.36 -17.00
CA GLY A 496 -50.22 29.92 -16.72
C GLY A 496 -50.23 31.13 -15.79
N HIS A 497 -49.03 31.57 -15.37
CA HIS A 497 -48.83 32.66 -14.36
C HIS A 497 -49.45 32.44 -12.96
N GLY A 498 -50.23 31.39 -12.80
CA GLY A 498 -50.90 31.06 -11.54
C GLY A 498 -50.17 29.82 -11.04
N GLY A 499 -48.92 29.65 -11.49
CA GLY A 499 -48.10 28.50 -11.11
C GLY A 499 -46.64 28.67 -11.54
N SER A 500 -45.75 28.79 -10.56
CA SER A 500 -44.31 28.73 -10.83
C SER A 500 -43.77 27.37 -10.35
N VAL A 501 -43.17 26.61 -11.27
CA VAL A 501 -42.86 25.19 -11.06
C VAL A 501 -41.36 24.89 -11.12
N GLU A 502 -40.98 23.73 -10.58
CA GLU A 502 -39.63 23.19 -10.76
C GLU A 502 -39.39 22.66 -12.17
N GLY A 503 -38.30 23.12 -12.78
CA GLY A 503 -37.92 22.77 -14.15
C GLY A 503 -36.43 23.03 -14.38
N PHE A 504 -35.99 22.91 -15.63
CA PHE A 504 -34.56 22.89 -15.94
C PHE A 504 -34.22 23.74 -17.15
N GLN A 505 -33.09 24.43 -17.07
CA GLN A 505 -32.44 25.07 -18.21
C GLN A 505 -31.50 24.02 -18.81
N VAL A 506 -31.35 24.04 -20.12
CA VAL A 506 -30.70 22.97 -20.87
C VAL A 506 -29.38 23.41 -21.47
N HIS A 507 -28.32 22.65 -21.20
CA HIS A 507 -27.02 22.91 -21.81
C HIS A 507 -26.72 21.70 -22.70
N LEU A 508 -26.38 21.94 -23.95
CA LEU A 508 -26.19 20.85 -24.89
C LEU A 508 -24.77 20.82 -25.43
N GLY A 509 -24.18 19.63 -25.52
CA GLY A 509 -22.92 19.42 -26.24
C GLY A 509 -21.60 19.65 -25.49
N GLY A 510 -21.64 19.68 -24.17
CA GLY A 510 -20.41 19.80 -23.37
C GLY A 510 -19.57 18.52 -23.35
N HIS A 511 -18.27 18.65 -23.20
CA HIS A 511 -17.40 17.51 -23.07
C HIS A 511 -16.01 17.92 -22.63
N LEU A 512 -15.29 16.99 -21.99
CA LEU A 512 -13.88 17.16 -21.71
C LEU A 512 -13.11 16.36 -22.75
N GLY A 513 -11.83 16.12 -22.50
CA GLY A 513 -11.01 15.35 -23.43
C GLY A 513 -10.58 16.17 -24.63
N LEU A 514 -10.76 15.64 -25.82
CA LEU A 514 -10.35 16.36 -27.04
C LEU A 514 -11.25 17.57 -27.31
N ASP A 515 -10.60 18.73 -27.48
CA ASP A 515 -11.30 20.02 -27.67
C ASP A 515 -12.39 20.23 -26.63
N ALA A 516 -12.00 20.06 -25.36
CA ALA A 516 -12.91 20.25 -24.25
C ALA A 516 -13.55 21.63 -24.37
N GLY A 517 -14.87 21.66 -24.26
CA GLY A 517 -15.61 22.91 -24.31
C GLY A 517 -16.93 22.70 -23.61
N PHE A 518 -17.55 23.81 -23.21
CA PHE A 518 -18.82 23.73 -22.49
C PHE A 518 -19.98 23.63 -23.46
N GLY A 519 -21.14 23.28 -22.91
CA GLY A 519 -22.35 23.10 -23.72
C GLY A 519 -22.99 24.44 -24.00
N ARG A 520 -23.79 24.52 -25.07
CA ARG A 520 -24.47 25.75 -25.42
C ARG A 520 -25.86 25.79 -24.78
N LYS A 521 -26.26 27.00 -24.41
CA LYS A 521 -27.49 27.25 -23.66
C LYS A 521 -28.52 27.64 -24.71
N LEU A 522 -29.79 27.34 -24.48
CA LEU A 522 -30.81 27.68 -25.47
C LEU A 522 -31.67 28.85 -25.03
N ARG A 523 -32.18 29.54 -26.05
CA ARG A 523 -32.66 30.93 -25.94
C ARG A 523 -33.85 31.10 -24.99
N GLN A 524 -35.04 30.74 -25.48
CA GLN A 524 -36.27 30.79 -24.69
C GLN A 524 -36.60 29.31 -24.50
N HIS A 525 -36.03 28.73 -23.45
CA HIS A 525 -36.12 27.29 -23.19
C HIS A 525 -36.20 26.96 -21.70
N LYS A 526 -37.29 26.30 -21.33
CA LYS A 526 -37.45 25.76 -20.00
C LYS A 526 -38.03 24.35 -20.20
N VAL A 527 -37.51 23.37 -19.47
CA VAL A 527 -38.04 22.01 -19.49
C VAL A 527 -38.52 21.66 -18.08
N THR A 528 -39.80 21.38 -17.94
CA THR A 528 -40.34 21.03 -16.63
C THR A 528 -39.90 19.65 -16.24
N SER A 529 -39.79 19.44 -14.93
CA SER A 529 -39.35 18.16 -14.40
C SER A 529 -40.20 16.97 -14.88
N ASP A 530 -41.44 17.20 -15.25
CA ASP A 530 -42.27 16.13 -15.81
C ASP A 530 -41.86 15.82 -17.26
N GLU A 531 -41.38 16.83 -17.97
CA GLU A 531 -41.06 16.68 -19.40
C GLU A 531 -39.68 16.11 -19.72
N LEU A 532 -38.84 15.83 -18.72
CA LEU A 532 -37.45 15.47 -18.99
C LEU A 532 -37.34 14.29 -19.94
N GLY A 533 -38.13 13.25 -19.68
CA GLY A 533 -38.16 12.05 -20.54
C GLY A 533 -38.68 12.35 -21.92
N ASP A 534 -39.73 13.15 -21.99
CA ASP A 534 -40.26 13.59 -23.28
C ASP A 534 -39.21 14.32 -24.08
N TYR A 535 -38.57 15.29 -23.44
CA TYR A 535 -37.57 16.12 -24.11
C TYR A 535 -36.37 15.31 -24.62
N ILE A 536 -35.78 14.50 -23.74
CA ILE A 536 -34.64 13.65 -24.12
C ILE A 536 -35.01 12.76 -25.32
N ASP A 537 -36.17 12.13 -25.24
CA ASP A 537 -36.68 11.28 -26.31
C ASP A 537 -36.76 12.08 -27.61
N ARG A 538 -37.44 13.22 -27.55
CA ARG A 538 -37.60 14.10 -28.72
C ARG A 538 -36.23 14.37 -29.33
N VAL A 539 -35.32 14.94 -28.54
CA VAL A 539 -34.04 15.43 -29.05
C VAL A 539 -33.14 14.31 -29.57
N VAL A 540 -33.15 13.18 -28.89
CA VAL A 540 -32.31 12.06 -29.26
C VAL A 540 -32.83 11.41 -30.53
N ARG A 541 -34.15 11.41 -30.71
CA ARG A 541 -34.72 10.93 -31.96
C ARG A 541 -34.38 11.87 -33.11
N ASN A 542 -34.50 13.18 -32.90
CA ASN A 542 -34.04 14.20 -33.87
C ASN A 542 -32.56 13.99 -34.17
N PHE A 543 -31.79 13.61 -33.14
CA PHE A 543 -30.37 13.34 -33.35
C PHE A 543 -30.17 12.19 -34.33
N VAL A 544 -30.93 11.11 -34.19
CA VAL A 544 -30.72 9.93 -35.07
C VAL A 544 -31.36 10.13 -36.47
N LYS A 545 -32.19 11.15 -36.64
CA LYS A 545 -32.76 11.48 -37.95
C LYS A 545 -31.75 12.31 -38.73
N HIS A 546 -31.61 13.59 -38.34
CA HIS A 546 -30.77 14.57 -39.03
C HIS A 546 -29.27 14.27 -38.84
N ARG A 547 -28.91 13.00 -38.73
CA ARG A 547 -27.59 12.62 -38.25
C ARG A 547 -26.60 12.31 -39.37
N SER A 548 -25.36 12.74 -39.17
CA SER A 548 -24.24 12.27 -39.99
C SER A 548 -23.85 10.90 -39.53
N GLU A 549 -23.17 10.17 -40.40
CA GLU A 549 -22.80 8.79 -40.15
C GLU A 549 -21.49 8.74 -39.36
N GLY A 550 -21.55 8.13 -38.18
CA GLY A 550 -20.41 8.08 -37.24
C GLY A 550 -20.25 9.33 -36.39
N GLU A 551 -21.25 10.23 -36.45
CA GLU A 551 -21.14 11.54 -35.81
C GLU A 551 -21.49 11.49 -34.33
N ARG A 552 -20.69 12.17 -33.51
CA ARG A 552 -21.01 12.29 -32.09
C ARG A 552 -22.09 13.35 -31.85
N PHE A 553 -22.79 13.19 -30.72
CA PHE A 553 -23.86 14.10 -30.33
C PHE A 553 -23.38 15.56 -30.18
N ALA A 554 -22.22 15.76 -29.54
CA ALA A 554 -21.65 17.11 -29.36
C ALA A 554 -21.32 17.82 -30.67
N GLN A 555 -21.06 17.05 -31.73
CA GLN A 555 -20.84 17.59 -33.06
C GLN A 555 -22.14 17.97 -33.79
N TRP A 556 -23.16 17.11 -33.74
CA TRP A 556 -24.44 17.40 -34.37
C TRP A 556 -25.11 18.66 -33.79
N VAL A 557 -24.78 18.97 -32.54
CA VAL A 557 -25.28 20.12 -31.82
C VAL A 557 -24.70 21.44 -32.39
N ILE A 558 -23.62 21.35 -33.15
CA ILE A 558 -23.11 22.54 -33.83
C ILE A 558 -24.12 23.08 -34.85
N ARG A 559 -24.78 22.19 -35.60
CA ARG A 559 -25.43 22.60 -36.84
C ARG A 559 -26.96 22.49 -36.92
N ALA A 560 -27.57 21.49 -36.30
CA ALA A 560 -29.01 21.31 -36.46
C ALA A 560 -29.78 22.59 -36.07
N GLU A 561 -30.94 22.79 -36.69
CA GLU A 561 -31.72 23.99 -36.43
C GLU A 561 -32.12 24.05 -34.96
N GLU A 562 -32.30 25.26 -34.43
CA GLU A 562 -32.68 25.45 -33.03
C GLU A 562 -34.01 24.80 -32.68
N ASP A 563 -34.87 24.57 -33.67
CA ASP A 563 -36.12 23.85 -33.46
C ASP A 563 -35.86 22.40 -33.12
N ASP A 564 -34.87 21.79 -33.79
CA ASP A 564 -34.52 20.39 -33.54
C ASP A 564 -33.90 20.12 -32.16
N LEU A 565 -33.64 21.17 -31.38
CA LEU A 565 -33.00 21.03 -30.08
C LEU A 565 -33.90 21.46 -28.90
N ARG A 566 -35.20 21.63 -29.13
CA ARG A 566 -36.11 22.15 -28.10
C ARG A 566 -37.02 21.10 -27.50
N ARG B 21 5.32 -46.45 4.98
CA ARG B 21 5.88 -47.06 6.23
C ARG B 21 5.67 -46.17 7.46
N ASN B 22 4.57 -45.42 7.47
CA ASN B 22 4.25 -44.46 8.53
C ASN B 22 5.36 -43.47 8.86
N GLU B 23 5.51 -42.47 7.99
CA GLU B 23 6.45 -41.37 8.22
C GLU B 23 5.71 -40.18 8.81
N GLY B 24 4.52 -40.42 9.38
CA GLY B 24 3.76 -39.38 10.07
C GLY B 24 2.80 -38.62 9.19
N GLN B 25 2.83 -38.91 7.88
CA GLN B 25 2.08 -38.17 6.87
C GLN B 25 0.58 -38.15 7.12
N TRP B 26 0.02 -36.95 7.21
CA TRP B 26 -1.43 -36.76 7.42
C TRP B 26 -2.29 -37.35 6.28
N ALA B 27 -1.88 -37.14 5.03
CA ALA B 27 -2.66 -37.59 3.87
C ALA B 27 -2.60 -39.11 3.57
N LEU B 28 -1.75 -39.85 4.27
CA LEU B 28 -1.78 -41.31 4.17
C LEU B 28 -2.58 -41.92 5.32
N GLY B 29 -3.30 -41.08 6.07
CA GLY B 29 -4.03 -41.53 7.27
C GLY B 29 -3.17 -41.71 8.51
N HIS B 30 -1.84 -41.68 8.33
CA HIS B 30 -0.88 -41.85 9.43
C HIS B 30 -0.80 -40.58 10.27
N ARG B 31 -1.85 -40.31 11.02
CA ARG B 31 -2.05 -38.99 11.61
C ARG B 31 -1.75 -38.91 13.10
N GLU B 32 -1.01 -39.90 13.62
CA GLU B 32 -0.75 -40.00 15.06
C GLU B 32 0.57 -39.36 15.42
N PRO B 33 0.65 -38.73 16.61
CA PRO B 33 1.89 -38.11 17.08
C PRO B 33 3.04 -39.12 17.26
N LEU B 34 4.16 -38.87 16.60
CA LEU B 34 5.35 -39.71 16.73
C LEU B 34 6.50 -38.97 17.40
N ASN B 35 6.21 -37.80 17.99
CA ASN B 35 7.19 -36.95 18.69
C ASN B 35 6.48 -36.32 19.87
N ALA B 36 7.24 -35.72 20.78
CA ALA B 36 6.68 -34.84 21.80
C ALA B 36 6.21 -33.53 21.17
N ASN B 37 6.81 -33.19 20.04
CA ASN B 37 6.46 -31.97 19.30
C ASN B 37 5.17 -32.13 18.56
N GLU B 38 5.01 -33.22 17.83
CA GLU B 38 3.74 -33.51 17.18
C GLU B 38 2.60 -33.77 18.18
N GLU B 39 2.95 -34.11 19.42
CA GLU B 39 1.99 -34.46 20.45
C GLU B 39 1.41 -33.24 21.18
N LEU B 40 2.24 -32.21 21.39
CA LEU B 40 1.75 -30.97 22.02
C LEU B 40 0.87 -30.17 21.07
N LYS B 41 1.08 -30.34 19.78
CA LYS B 41 0.25 -29.67 18.75
C LYS B 41 -1.15 -30.29 18.66
N LYS B 42 -1.29 -31.54 19.08
CA LYS B 42 -2.61 -32.19 19.09
C LYS B 42 -3.53 -31.62 20.16
N ALA B 43 -3.00 -30.78 21.04
CA ALA B 43 -3.76 -30.21 22.17
C ALA B 43 -4.62 -29.00 21.82
N GLY B 44 -4.87 -28.78 20.54
CA GLY B 44 -5.55 -27.56 20.08
C GLY B 44 -4.58 -26.64 19.35
N ASN B 45 -5.12 -25.62 18.68
CA ASN B 45 -4.31 -24.65 17.97
C ASN B 45 -3.25 -24.03 18.90
N PRO B 46 -1.95 -24.13 18.54
CA PRO B 46 -0.91 -23.51 19.35
C PRO B 46 -1.08 -22.01 19.58
N LEU B 47 -1.59 -21.30 18.59
CA LEU B 47 -1.85 -19.85 18.69
C LEU B 47 -2.77 -19.43 19.83
N ASP B 48 -3.42 -20.38 20.51
CA ASP B 48 -4.34 -20.05 21.60
C ASP B 48 -3.66 -19.49 22.85
N VAL B 49 -2.38 -19.78 23.01
CA VAL B 49 -1.59 -19.32 24.16
C VAL B 49 -1.71 -17.82 24.41
N ARG B 50 -1.91 -17.02 23.38
CA ARG B 50 -1.99 -15.57 23.57
C ARG B 50 -2.89 -15.14 24.74
N GLU B 51 -4.01 -15.85 24.92
CA GLU B 51 -4.94 -15.55 26.03
C GLU B 51 -4.27 -15.90 27.34
N ARG B 52 -3.71 -17.11 27.41
CA ARG B 52 -2.93 -17.56 28.58
C ARG B 52 -1.73 -16.68 28.93
N ILE B 53 -1.19 -15.95 27.96
CA ILE B 53 -0.13 -15.00 28.24
C ILE B 53 -0.74 -13.78 28.90
N GLU B 54 -1.82 -13.28 28.31
CA GLU B 54 -2.48 -12.07 28.76
C GLU B 54 -3.23 -12.25 30.08
N ASN B 55 -3.81 -13.44 30.27
CA ASN B 55 -4.58 -13.76 31.49
C ASN B 55 -3.69 -14.22 32.65
N ILE B 56 -2.93 -15.30 32.41
CA ILE B 56 -2.12 -15.93 33.44
C ILE B 56 -0.69 -15.37 33.49
N TYR B 57 0.11 -15.78 32.51
CA TYR B 57 1.56 -15.71 32.61
C TYR B 57 2.14 -14.30 32.80
N ALA B 58 1.58 -13.32 32.10
CA ALA B 58 2.10 -11.96 32.19
C ALA B 58 1.87 -11.34 33.58
N LYS B 59 1.21 -12.08 34.47
CA LYS B 59 1.03 -11.64 35.87
C LYS B 59 1.92 -12.43 36.83
N GLN B 60 1.81 -13.76 36.79
CA GLN B 60 2.60 -14.61 37.69
C GLN B 60 4.10 -14.65 37.38
N GLY B 61 4.47 -14.43 36.11
CA GLY B 61 5.88 -14.46 35.70
C GLY B 61 6.33 -15.79 35.13
N PHE B 62 7.65 -15.94 34.99
CA PHE B 62 8.24 -17.07 34.27
C PHE B 62 7.83 -18.43 34.82
N ASP B 63 7.70 -18.52 36.14
CA ASP B 63 7.57 -19.81 36.81
C ASP B 63 6.14 -20.38 36.75
N SER B 64 5.16 -19.55 36.40
CA SER B 64 3.80 -20.07 36.16
C SER B 64 3.68 -20.80 34.83
N ILE B 65 4.62 -20.59 33.93
CA ILE B 65 4.50 -21.03 32.54
C ILE B 65 4.72 -22.54 32.39
N ASP B 66 3.71 -23.20 31.82
CA ASP B 66 3.77 -24.61 31.53
C ASP B 66 4.88 -24.90 30.56
N LYS B 67 5.59 -26.00 30.80
CA LYS B 67 6.76 -26.34 30.00
C LYS B 67 6.47 -26.52 28.51
N THR B 68 5.29 -27.01 28.18
CA THR B 68 4.93 -27.19 26.77
C THR B 68 4.52 -25.87 26.11
N ASP B 69 3.99 -24.94 26.88
CA ASP B 69 3.81 -23.56 26.44
C ASP B 69 5.16 -22.87 26.27
N LEU B 70 5.96 -22.91 27.33
CA LEU B 70 7.25 -22.24 27.37
C LEU B 70 8.15 -22.67 26.22
N ARG B 71 8.30 -23.97 26.02
CA ARG B 71 9.27 -24.50 25.06
C ARG B 71 8.70 -24.81 23.65
N GLY B 72 7.40 -24.60 23.47
CA GLY B 72 6.72 -24.97 22.23
C GLY B 72 5.73 -23.94 21.71
N ARG B 73 4.60 -23.82 22.39
CA ARG B 73 3.51 -22.98 21.89
C ARG B 73 3.82 -21.48 21.91
N PHE B 74 4.75 -21.05 22.76
CA PHE B 74 5.22 -19.65 22.76
C PHE B 74 5.81 -19.21 21.40
N ARG B 75 6.46 -20.14 20.72
CA ARG B 75 7.10 -19.91 19.43
C ARG B 75 6.12 -19.37 18.39
N TRP B 76 4.89 -19.85 18.43
CA TRP B 76 3.86 -19.39 17.51
C TRP B 76 3.58 -17.91 17.67
N TRP B 77 4.18 -17.30 18.68
CA TRP B 77 4.16 -15.85 18.84
C TRP B 77 5.56 -15.21 18.86
N GLY B 78 6.56 -15.93 18.35
CA GLY B 78 7.91 -15.41 18.25
C GLY B 78 8.65 -15.21 19.54
N LEU B 79 8.26 -15.97 20.57
CA LEU B 79 8.90 -15.94 21.89
C LEU B 79 9.70 -17.20 22.09
N TYR B 80 11.01 -17.05 22.04
CA TYR B 80 11.94 -18.13 22.29
C TYR B 80 12.61 -17.83 23.59
N THR B 81 12.86 -18.87 24.37
CA THR B 81 13.57 -18.74 25.63
C THR B 81 15.04 -18.40 25.31
N GLN B 82 15.69 -17.55 26.09
CA GLN B 82 17.10 -17.22 25.82
C GLN B 82 18.08 -17.96 26.75
N ARG B 83 19.36 -17.96 26.38
CA ARG B 83 20.39 -18.72 27.09
C ARG B 83 20.84 -18.06 28.38
N GLU B 84 20.82 -18.83 29.45
CA GLU B 84 21.30 -18.40 30.76
C GLU B 84 22.79 -18.13 30.63
N GLN B 85 23.27 -17.11 31.35
CA GLN B 85 24.66 -16.69 31.22
C GLN B 85 25.63 -17.60 31.97
N GLY B 86 26.88 -17.60 31.55
CA GLY B 86 27.95 -18.38 32.22
C GLY B 86 28.20 -19.81 31.75
N TYR B 87 27.34 -20.35 30.90
CA TYR B 87 27.54 -21.70 30.34
C TYR B 87 28.17 -21.69 28.96
N ASP B 88 29.31 -22.34 28.81
CA ASP B 88 29.97 -22.42 27.51
C ASP B 88 29.60 -23.72 26.76
N GLY B 89 30.20 -23.93 25.59
CA GLY B 89 29.82 -25.02 24.70
C GLY B 89 29.82 -26.42 25.29
N THR B 90 30.59 -26.63 26.35
CA THR B 90 30.55 -27.87 27.14
C THR B 90 29.12 -28.26 27.47
N TRP B 91 28.32 -27.27 27.81
CA TRP B 91 26.99 -27.52 28.35
C TRP B 91 25.93 -27.66 27.30
N THR B 92 26.21 -27.20 26.09
CA THR B 92 25.21 -27.20 25.04
C THR B 92 24.82 -28.64 24.70
N GLY B 93 23.52 -28.89 24.70
CA GLY B 93 22.99 -30.20 24.39
C GLY B 93 21.57 -30.29 24.90
N ASP B 94 20.79 -31.19 24.32
CA ASP B 94 19.40 -31.38 24.71
C ASP B 94 19.21 -31.76 26.18
N ASP B 95 20.17 -32.50 26.73
CA ASP B 95 20.10 -32.96 28.13
C ASP B 95 20.22 -31.86 29.23
N ASN B 96 20.70 -30.67 28.88
CA ASN B 96 20.93 -29.62 29.88
C ASN B 96 19.91 -28.48 29.85
N ILE B 97 18.82 -28.66 29.13
CA ILE B 97 17.82 -27.60 28.90
C ILE B 97 17.49 -26.76 30.12
N ASP B 98 17.20 -27.40 31.25
CA ASP B 98 16.73 -26.68 32.42
C ASP B 98 17.77 -25.71 32.96
N LYS B 99 19.06 -26.02 32.76
CA LYS B 99 20.16 -25.13 33.13
C LYS B 99 20.28 -23.95 32.17
N LEU B 100 20.33 -24.28 30.87
CA LEU B 100 20.52 -23.32 29.77
C LEU B 100 19.35 -22.37 29.51
N GLU B 101 18.19 -22.70 30.06
CA GLU B 101 16.98 -21.93 29.88
C GLU B 101 16.86 -20.80 30.93
N ALA B 102 17.13 -19.56 30.50
CA ALA B 102 17.03 -18.38 31.36
C ALA B 102 15.56 -17.96 31.59
N LYS B 103 15.38 -16.97 32.46
CA LYS B 103 14.06 -16.40 32.79
C LYS B 103 13.71 -15.21 31.86
N TYR B 104 14.42 -15.09 30.74
CA TYR B 104 14.21 -14.01 29.76
C TYR B 104 13.94 -14.57 28.36
N PHE B 105 13.37 -13.75 27.49
CA PHE B 105 13.01 -14.19 26.16
C PHE B 105 13.66 -13.38 25.08
N MET B 106 13.98 -14.06 23.98
CA MET B 106 14.22 -13.44 22.69
C MET B 106 12.85 -13.22 22.08
N MET B 107 12.57 -12.01 21.58
CA MET B 107 11.29 -11.71 20.91
C MET B 107 11.55 -11.28 19.48
N ARG B 108 10.86 -11.90 18.55
CA ARG B 108 11.12 -11.69 17.13
C ARG B 108 9.91 -11.04 16.50
N VAL B 109 10.11 -9.85 15.93
CA VAL B 109 9.03 -9.11 15.28
C VAL B 109 8.96 -9.46 13.78
N ARG B 110 7.78 -9.88 13.35
CA ARG B 110 7.55 -10.28 11.96
C ARG B 110 7.47 -9.06 11.04
N CYS B 111 8.34 -8.98 10.03
CA CYS B 111 8.33 -7.88 9.05
C CYS B 111 8.32 -8.37 7.61
N ASP B 112 7.19 -8.92 7.19
CA ASP B 112 7.05 -9.45 5.84
C ASP B 112 7.50 -8.41 4.84
N GLY B 113 8.37 -8.81 3.92
CA GLY B 113 8.94 -7.89 2.96
C GLY B 113 9.91 -6.84 3.51
N GLY B 114 10.20 -6.92 4.81
CA GLY B 114 11.09 -5.96 5.46
C GLY B 114 10.57 -4.53 5.56
N ALA B 115 9.31 -4.32 5.21
CA ALA B 115 8.81 -2.99 4.94
C ALA B 115 8.20 -2.33 6.17
N LEU B 116 8.69 -1.13 6.52
CA LEU B 116 8.23 -0.37 7.70
C LEU B 116 8.04 1.13 7.45
N SER B 117 7.12 1.76 8.18
CA SER B 117 6.98 3.21 8.13
C SER B 117 8.01 3.81 9.07
N ALA B 118 8.16 5.13 9.06
CA ALA B 118 9.04 5.79 10.05
C ALA B 118 8.47 5.62 11.44
N ALA B 119 7.16 5.75 11.58
CA ALA B 119 6.51 5.61 12.88
C ALA B 119 6.72 4.21 13.44
N ALA B 120 6.63 3.18 12.59
CA ALA B 120 6.82 1.80 13.07
C ALA B 120 8.26 1.58 13.52
N LEU B 121 9.21 2.19 12.80
CA LEU B 121 10.63 2.09 13.12
C LEU B 121 10.93 2.77 14.46
N ARG B 122 10.25 3.89 14.71
CA ARG B 122 10.33 4.58 15.99
C ARG B 122 9.80 3.70 17.14
N THR B 123 8.67 3.04 16.91
CA THR B 123 8.10 2.18 17.95
C THR B 123 9.09 1.06 18.25
N LEU B 124 9.57 0.40 17.19
CA LEU B 124 10.61 -0.61 17.34
C LEU B 124 11.77 -0.11 18.17
N GLY B 125 12.14 1.15 17.97
CA GLY B 125 13.25 1.76 18.70
C GLY B 125 12.95 1.94 20.17
N GLN B 126 11.75 2.43 20.47
CA GLN B 126 11.32 2.69 21.85
C GLN B 126 11.06 1.41 22.65
N ILE B 127 10.45 0.40 22.04
CA ILE B 127 10.30 -0.91 22.69
C ILE B 127 11.66 -1.42 23.16
N SER B 128 12.66 -1.31 22.31
CA SER B 128 13.98 -1.88 22.58
C SER B 128 14.64 -1.19 23.74
N THR B 129 14.65 0.14 23.70
CA THR B 129 15.37 0.90 24.71
C THR B 129 14.71 0.67 26.06
N GLU B 130 13.40 0.51 26.06
CA GLU B 130 12.64 0.43 27.28
C GLU B 130 12.38 -0.98 27.82
N PHE B 131 12.19 -1.96 26.94
CA PHE B 131 11.90 -3.34 27.40
C PHE B 131 12.99 -4.39 27.12
N ALA B 132 14.00 -4.08 26.30
CA ALA B 132 14.97 -5.05 25.82
C ALA B 132 16.41 -4.72 26.14
N ARG B 133 16.61 -3.80 27.10
CA ARG B 133 17.94 -3.29 27.47
C ARG B 133 18.69 -2.75 26.26
N ASP B 134 17.94 -2.20 25.31
CA ASP B 134 18.48 -1.54 24.14
C ASP B 134 19.04 -2.55 23.09
N THR B 135 18.78 -3.85 23.26
CA THR B 135 19.16 -4.80 22.24
C THR B 135 18.21 -4.76 21.09
N ALA B 136 18.76 -4.73 19.89
CA ALA B 136 17.97 -4.84 18.65
C ALA B 136 18.92 -5.30 17.54
N ASP B 137 18.68 -6.48 16.99
CA ASP B 137 19.54 -7.04 15.95
C ASP B 137 18.72 -7.41 14.73
N ILE B 138 19.13 -6.92 13.56
CA ILE B 138 18.42 -7.15 12.32
C ILE B 138 18.80 -8.52 11.76
N SER B 139 17.81 -9.38 11.62
CA SER B 139 18.00 -10.74 11.15
C SER B 139 18.23 -10.76 9.65
N ASP B 140 18.73 -11.89 9.14
CA ASP B 140 18.89 -12.10 7.69
C ASP B 140 17.61 -12.58 7.01
N ARG B 141 16.47 -12.44 7.68
CA ARG B 141 15.15 -12.61 7.07
C ARG B 141 14.28 -11.35 7.27
N GLN B 142 14.95 -10.22 7.42
CA GLN B 142 14.30 -8.91 7.41
C GLN B 142 13.54 -8.56 8.69
N ASN B 143 13.72 -9.36 9.75
CA ASN B 143 13.12 -9.07 11.07
C ASN B 143 14.09 -8.32 11.99
N VAL B 144 13.54 -7.79 13.09
CA VAL B 144 14.38 -7.43 14.24
C VAL B 144 14.08 -8.40 15.35
N GLN B 145 15.09 -8.66 16.18
CA GLN B 145 14.93 -9.47 17.39
C GLN B 145 15.40 -8.71 18.60
N TYR B 146 14.61 -8.84 19.67
CA TYR B 146 14.89 -8.26 20.97
C TYR B 146 15.42 -9.37 21.88
N HIS B 147 16.21 -9.00 22.89
CA HIS B 147 16.57 -9.94 23.96
C HIS B 147 16.33 -9.34 25.36
N TRP B 148 16.54 -10.13 26.42
CA TRP B 148 16.25 -9.71 27.81
C TRP B 148 14.78 -9.35 28.06
N ILE B 149 13.88 -10.00 27.33
CA ILE B 149 12.46 -9.69 27.45
C ILE B 149 11.82 -10.51 28.56
N GLU B 150 10.96 -9.87 29.34
CA GLU B 150 10.25 -10.53 30.45
C GLU B 150 8.77 -10.63 30.13
N VAL B 151 8.20 -11.82 30.30
CA VAL B 151 6.81 -12.07 29.93
C VAL B 151 5.86 -11.01 30.52
N GLU B 152 6.19 -10.52 31.70
CA GLU B 152 5.50 -9.36 32.30
C GLU B 152 5.07 -8.34 31.25
N ASN B 153 5.97 -8.03 30.30
CA ASN B 153 5.82 -6.91 29.38
C ASN B 153 5.22 -7.22 28.02
N VAL B 154 4.98 -8.49 27.72
CA VAL B 154 4.62 -8.91 26.35
C VAL B 154 3.30 -8.37 25.80
N PRO B 155 2.24 -8.31 26.64
CA PRO B 155 0.99 -7.70 26.15
C PRO B 155 1.14 -6.21 25.83
N GLU B 156 1.89 -5.51 26.67
CA GLU B 156 2.20 -4.09 26.48
C GLU B 156 2.86 -3.87 25.11
N ILE B 157 3.86 -4.71 24.81
CA ILE B 157 4.58 -4.61 23.55
C ILE B 157 3.66 -4.91 22.35
N TRP B 158 2.84 -5.97 22.45
CA TRP B 158 1.90 -6.31 21.37
C TRP B 158 0.96 -5.16 21.03
N ARG B 159 0.60 -4.41 22.04
CA ARG B 159 -0.32 -3.29 21.89
C ARG B 159 0.30 -2.13 21.12
N ARG B 160 1.53 -1.80 21.48
CA ARG B 160 2.28 -0.76 20.78
C ARG B 160 2.71 -1.16 19.37
N LEU B 161 3.05 -2.44 19.20
CA LEU B 161 3.39 -3.00 17.90
C LEU B 161 2.17 -3.03 16.98
N ASP B 162 1.04 -3.47 17.52
CA ASP B 162 -0.21 -3.46 16.74
C ASP B 162 -0.67 -2.06 16.38
N ASP B 163 -0.33 -1.08 17.20
CA ASP B 163 -0.71 0.29 16.92
C ASP B 163 0.06 0.90 15.74
N VAL B 164 1.02 0.16 15.18
CA VAL B 164 1.69 0.56 13.93
C VAL B 164 1.69 -0.56 12.89
N GLY B 165 0.77 -1.52 13.03
CA GLY B 165 0.59 -2.55 12.03
C GLY B 165 1.51 -3.77 12.09
N LEU B 166 2.24 -3.95 13.19
CA LEU B 166 3.17 -5.06 13.32
C LEU B 166 2.67 -6.12 14.31
N GLN B 167 3.15 -7.34 14.13
CA GLN B 167 2.72 -8.50 14.94
C GLN B 167 3.90 -9.44 15.07
N THR B 168 3.77 -10.44 15.94
CA THR B 168 4.79 -11.51 16.07
C THR B 168 4.24 -12.88 15.72
N THR B 169 3.13 -12.88 14.97
CA THR B 169 2.42 -14.11 14.65
C THR B 169 3.22 -15.05 13.74
N GLU B 170 3.37 -16.29 14.19
CA GLU B 170 4.02 -17.33 13.42
C GLU B 170 5.43 -16.92 13.02
N ALA B 171 6.04 -16.10 13.87
CA ALA B 171 7.37 -15.62 13.62
C ALA B 171 8.38 -16.71 13.98
N CYS B 172 8.03 -17.53 14.96
CA CYS B 172 8.68 -18.81 15.21
C CYS B 172 7.64 -19.93 15.07
N GLY B 173 8.06 -21.18 15.20
CA GLY B 173 7.13 -22.33 15.27
C GLY B 173 7.00 -23.18 14.03
N ASP B 174 6.14 -24.21 14.10
CA ASP B 174 5.89 -25.13 12.97
C ASP B 174 4.78 -24.61 12.06
N CYS B 175 5.15 -23.56 11.33
CA CYS B 175 4.23 -22.71 10.59
C CYS B 175 5.05 -21.77 9.67
N PRO B 176 4.37 -20.97 8.84
CA PRO B 176 5.06 -20.05 7.94
C PRO B 176 5.74 -18.85 8.60
N ARG B 177 7.03 -18.74 8.36
CA ARG B 177 7.86 -17.66 8.85
C ARG B 177 7.68 -16.42 7.97
N VAL B 178 8.34 -15.32 8.33
CA VAL B 178 8.37 -14.12 7.48
C VAL B 178 8.48 -14.47 6.01
N VAL B 179 7.72 -13.76 5.18
CA VAL B 179 7.87 -13.85 3.75
C VAL B 179 8.88 -12.81 3.34
N LEU B 180 9.93 -13.22 2.62
CA LEU B 180 10.96 -12.27 2.17
C LEU B 180 10.45 -11.48 0.97
N GLY B 181 10.94 -10.24 0.84
CA GLY B 181 10.65 -9.39 -0.31
C GLY B 181 11.85 -8.52 -0.64
N SER B 182 11.94 -8.11 -1.91
CA SER B 182 12.96 -7.14 -2.32
C SER B 182 12.87 -5.90 -1.47
N PRO B 183 14.00 -5.49 -0.84
CA PRO B 183 14.07 -4.18 -0.16
C PRO B 183 13.82 -2.97 -1.11
N LEU B 184 13.73 -3.17 -2.42
CA LEU B 184 13.37 -2.09 -3.35
C LEU B 184 12.14 -2.42 -4.18
N ALA B 185 11.26 -3.23 -3.60
CA ALA B 185 10.04 -3.63 -4.28
C ALA B 185 9.27 -2.39 -4.62
N GLY B 186 8.91 -2.22 -5.88
CA GLY B 186 8.15 -1.04 -6.30
C GLY B 186 8.98 0.18 -6.71
N GLU B 187 10.31 0.14 -6.53
CA GLU B 187 11.15 1.28 -6.89
C GLU B 187 12.48 0.95 -7.62
N SER B 188 12.87 -0.32 -7.66
CA SER B 188 14.05 -0.68 -8.43
C SER B 188 13.86 -0.37 -9.90
N LEU B 189 14.93 0.12 -10.53
CA LEU B 189 14.93 0.28 -11.98
C LEU B 189 15.00 -1.07 -12.71
N ASP B 190 15.42 -2.13 -12.03
CA ASP B 190 15.67 -3.42 -12.72
C ASP B 190 14.69 -4.52 -12.34
N GLU B 191 13.71 -4.22 -11.50
CA GLU B 191 12.81 -5.29 -11.08
C GLU B 191 11.94 -5.69 -12.25
N VAL B 192 11.77 -6.99 -12.44
CA VAL B 192 10.79 -7.49 -13.42
C VAL B 192 9.39 -6.97 -13.13
N LEU B 193 8.98 -7.01 -11.86
CA LEU B 193 7.71 -6.40 -11.38
C LEU B 193 7.74 -6.17 -9.86
N ASP B 194 6.66 -5.63 -9.31
CA ASP B 194 6.54 -5.42 -7.85
C ASP B 194 5.51 -6.37 -7.26
N PRO B 195 5.97 -7.49 -6.66
CA PRO B 195 5.06 -8.51 -6.18
C PRO B 195 4.57 -8.26 -4.75
N THR B 196 4.85 -7.08 -4.21
CA THR B 196 4.47 -6.77 -2.85
C THR B 196 3.03 -7.16 -2.62
N TRP B 197 2.16 -6.82 -3.56
CA TRP B 197 0.76 -7.21 -3.46
C TRP B 197 0.55 -8.66 -3.01
N ALA B 198 1.31 -9.58 -3.58
CA ALA B 198 1.16 -10.98 -3.28
C ALA B 198 1.50 -11.27 -1.84
N ILE B 199 2.60 -10.69 -1.35
CA ILE B 199 3.06 -10.89 0.03
C ILE B 199 2.01 -10.36 1.00
N GLU B 200 1.44 -9.19 0.70
CA GLU B 200 0.45 -8.63 1.59
C GLU B 200 -0.79 -9.50 1.65
N GLU B 201 -1.22 -10.05 0.52
CA GLU B 201 -2.36 -11.00 0.50
C GLU B 201 -2.11 -12.29 1.27
N ILE B 202 -0.92 -12.87 1.11
CA ILE B 202 -0.58 -14.08 1.86
C ILE B 202 -0.71 -13.83 3.37
N VAL B 203 -0.18 -12.70 3.83
CA VAL B 203 -0.27 -12.35 5.24
C VAL B 203 -1.74 -12.24 5.67
N ARG B 204 -2.53 -11.50 4.89
CA ARG B 204 -3.91 -11.25 5.25
C ARG B 204 -4.79 -12.52 5.21
N ARG B 205 -4.63 -13.34 4.17
CA ARG B 205 -5.47 -14.54 4.01
C ARG B 205 -5.09 -15.62 5.00
N TYR B 206 -3.80 -15.94 5.08
CA TYR B 206 -3.35 -17.17 5.71
C TYR B 206 -2.68 -17.04 7.08
N ILE B 207 -1.90 -15.99 7.29
CA ILE B 207 -1.10 -15.85 8.50
C ILE B 207 -1.99 -15.59 9.72
N GLY B 208 -1.82 -16.41 10.75
CA GLY B 208 -2.58 -16.30 11.99
C GLY B 208 -3.81 -17.19 12.08
N LYS B 209 -4.08 -17.94 11.01
CA LYS B 209 -5.33 -18.71 10.84
C LYS B 209 -5.06 -20.19 10.96
N PRO B 210 -6.07 -20.96 11.37
CA PRO B 210 -5.83 -22.37 11.67
C PRO B 210 -5.21 -23.22 10.56
N ASP B 211 -5.51 -22.94 9.30
CA ASP B 211 -5.20 -23.89 8.24
C ASP B 211 -3.73 -24.26 8.13
N PHE B 212 -2.87 -23.29 8.35
CA PHE B 212 -1.43 -23.46 8.20
C PHE B 212 -0.68 -23.22 9.50
N ALA B 213 -1.41 -23.26 10.62
CA ALA B 213 -0.80 -23.15 11.94
C ALA B 213 -0.11 -24.44 12.39
N ASP B 214 -0.34 -25.55 11.70
CA ASP B 214 0.29 -26.81 12.08
C ASP B 214 0.88 -27.51 10.89
N LEU B 215 2.19 -27.31 10.70
CA LEU B 215 2.93 -27.93 9.63
C LEU B 215 3.98 -28.88 10.22
N PRO B 216 4.51 -29.80 9.40
CA PRO B 216 5.60 -30.71 9.80
C PRO B 216 6.82 -30.02 10.40
N ARG B 217 7.12 -28.81 9.93
CA ARG B 217 8.14 -27.95 10.54
C ARG B 217 8.00 -26.51 10.11
N LYS B 218 9.01 -25.70 10.43
CA LYS B 218 9.06 -24.33 9.94
C LYS B 218 9.09 -24.28 8.44
N TYR B 219 8.59 -23.17 7.88
CA TYR B 219 8.31 -23.03 6.45
C TYR B 219 8.69 -21.62 6.00
N LYS B 220 9.68 -21.52 5.12
CA LYS B 220 10.28 -20.22 4.73
C LYS B 220 9.96 -19.85 3.29
N THR B 221 9.58 -18.59 3.10
CA THR B 221 9.03 -18.08 1.86
C THR B 221 9.78 -16.83 1.39
N ALA B 222 10.07 -16.77 0.08
CA ALA B 222 10.69 -15.61 -0.56
C ALA B 222 9.98 -15.18 -1.86
N ILE B 223 9.62 -13.91 -1.99
CA ILE B 223 8.92 -13.42 -3.21
C ILE B 223 9.51 -12.09 -3.68
N SER B 224 10.04 -12.02 -4.89
CA SER B 224 10.68 -10.79 -5.37
C SER B 224 10.77 -10.72 -6.89
N GLY B 225 10.68 -9.50 -7.43
CA GLY B 225 11.01 -9.23 -8.83
C GLY B 225 12.51 -9.03 -9.10
N LEU B 226 13.35 -9.30 -8.09
CA LEU B 226 14.81 -9.38 -8.25
C LEU B 226 15.29 -10.64 -7.54
N GLN B 227 16.49 -11.11 -7.87
CA GLN B 227 17.11 -12.19 -7.09
C GLN B 227 17.93 -11.60 -5.94
N ASP B 228 17.25 -10.95 -4.99
CA ASP B 228 17.86 -10.33 -3.81
C ASP B 228 17.35 -10.94 -2.50
N VAL B 229 16.80 -12.15 -2.56
CA VAL B 229 16.19 -12.82 -1.38
C VAL B 229 16.63 -14.30 -1.18
N ALA B 230 17.87 -14.61 -1.55
CA ALA B 230 18.44 -15.92 -1.27
C ALA B 230 17.41 -17.01 -1.48
N HIS B 231 16.79 -17.02 -2.65
CA HIS B 231 15.62 -17.86 -2.90
C HIS B 231 15.97 -19.33 -3.00
N GLU B 232 17.17 -19.63 -3.50
CA GLU B 232 17.61 -21.01 -3.69
C GLU B 232 17.56 -21.84 -2.39
N ILE B 233 17.52 -21.17 -1.23
CA ILE B 233 17.48 -21.87 0.06
C ILE B 233 16.20 -21.68 0.88
N ASN B 234 15.13 -21.24 0.23
CA ASN B 234 13.82 -21.21 0.88
C ASN B 234 13.01 -22.46 0.58
N ASP B 235 12.03 -22.75 1.43
CA ASP B 235 11.07 -23.84 1.18
C ASP B 235 10.23 -23.59 -0.07
N VAL B 236 9.93 -22.32 -0.36
CA VAL B 236 9.17 -21.96 -1.55
C VAL B 236 9.59 -20.57 -1.99
N ALA B 237 9.75 -20.36 -3.31
CA ALA B 237 10.14 -19.06 -3.82
C ALA B 237 9.37 -18.71 -5.09
N PHE B 238 8.98 -17.43 -5.20
CA PHE B 238 8.41 -16.85 -6.42
C PHE B 238 9.32 -15.72 -6.91
N ILE B 239 10.07 -15.97 -7.98
CA ILE B 239 11.06 -15.01 -8.49
C ILE B 239 10.65 -14.47 -9.85
N GLY B 240 10.64 -13.14 -9.99
CA GLY B 240 10.27 -12.46 -11.23
C GLY B 240 10.93 -12.97 -12.52
N VAL B 241 10.14 -12.99 -13.59
CA VAL B 241 10.64 -13.32 -14.93
C VAL B 241 9.61 -12.96 -16.00
N ASN B 242 10.10 -12.49 -17.16
CA ASN B 242 9.22 -12.23 -18.32
C ASN B 242 8.96 -13.52 -19.06
N HIS B 243 7.70 -13.98 -19.04
CA HIS B 243 7.31 -15.07 -19.92
C HIS B 243 7.16 -14.44 -21.33
N PRO B 244 7.84 -15.00 -22.34
CA PRO B 244 7.83 -14.38 -23.68
C PRO B 244 6.40 -14.12 -24.18
N GLU B 245 5.51 -15.09 -23.94
CA GLU B 245 4.09 -14.95 -24.29
C GLU B 245 3.26 -14.12 -23.31
N HIS B 246 3.39 -14.39 -22.00
CA HIS B 246 2.45 -13.91 -20.98
C HIS B 246 2.94 -12.67 -20.23
N GLY B 247 4.17 -12.22 -20.47
CA GLY B 247 4.71 -11.04 -19.82
C GLY B 247 5.22 -11.25 -18.39
N PRO B 248 5.40 -10.16 -17.64
CA PRO B 248 6.00 -10.29 -16.32
C PRO B 248 5.21 -11.18 -15.38
N GLY B 249 5.92 -12.01 -14.64
CA GLY B 249 5.31 -12.89 -13.62
C GLY B 249 6.36 -13.56 -12.76
N LEU B 250 5.97 -14.66 -12.12
CA LEU B 250 6.88 -15.28 -11.14
C LEU B 250 7.18 -16.73 -11.42
N ASP B 251 8.47 -17.04 -11.49
CA ASP B 251 8.91 -18.42 -11.61
C ASP B 251 8.92 -19.08 -10.22
N LEU B 252 8.44 -20.32 -10.18
CA LEU B 252 8.22 -21.02 -8.93
C LEU B 252 9.36 -21.97 -8.60
N TRP B 253 9.95 -21.77 -7.41
CA TRP B 253 10.99 -22.66 -6.88
C TRP B 253 10.49 -23.30 -5.60
N VAL B 254 10.96 -24.50 -5.33
CA VAL B 254 10.54 -25.27 -4.19
C VAL B 254 11.69 -26.14 -3.69
N GLY B 255 11.70 -26.45 -2.39
CA GLY B 255 12.51 -27.52 -1.80
C GLY B 255 13.86 -27.19 -1.17
N GLY B 256 14.00 -25.96 -0.67
CA GLY B 256 15.29 -25.44 -0.19
C GLY B 256 15.51 -25.43 1.31
N GLY B 257 16.78 -25.32 1.72
CA GLY B 257 17.16 -25.34 3.13
C GLY B 257 18.65 -25.65 3.31
N LEU B 258 19.24 -25.14 4.37
CA LEU B 258 20.62 -25.43 4.71
C LEU B 258 20.68 -25.75 6.17
N SER B 259 20.85 -26.98 6.55
CA SER B 259 21.11 -27.16 7.95
C SER B 259 22.32 -28.02 8.00
N THR B 260 22.20 -29.12 8.76
CA THR B 260 23.17 -30.17 8.74
C THR B 260 23.18 -30.81 7.34
N ASN B 261 22.04 -30.74 6.66
CA ASN B 261 21.86 -31.39 5.36
C ASN B 261 21.40 -30.43 4.25
N PRO B 262 22.31 -29.65 3.66
CA PRO B 262 21.93 -28.61 2.69
C PRO B 262 21.44 -29.08 1.32
N MET B 263 20.51 -28.34 0.74
CA MET B 263 19.91 -28.69 -0.54
C MET B 263 19.37 -27.47 -1.27
N LEU B 264 19.76 -27.29 -2.53
CA LEU B 264 19.22 -26.19 -3.33
C LEU B 264 17.80 -26.45 -3.77
N ALA B 265 16.94 -25.47 -3.54
CA ALA B 265 15.61 -25.47 -4.12
C ALA B 265 15.73 -25.54 -5.64
N GLN B 266 14.71 -26.16 -6.26
CA GLN B 266 14.69 -26.47 -7.67
C GLN B 266 13.43 -25.92 -8.37
N ARG B 267 13.60 -25.46 -9.60
CA ARG B 267 12.50 -24.92 -10.40
C ARG B 267 11.41 -25.94 -10.70
N VAL B 268 10.17 -25.57 -10.41
CA VAL B 268 9.04 -26.39 -10.74
C VAL B 268 8.81 -26.39 -12.25
N GLY B 269 9.34 -25.38 -12.93
CA GLY B 269 9.18 -25.20 -14.37
C GLY B 269 7.92 -24.44 -14.70
N ALA B 270 7.46 -23.59 -13.77
CA ALA B 270 6.16 -22.94 -13.85
C ALA B 270 6.24 -21.43 -13.79
N TRP B 271 5.36 -20.78 -14.56
CA TRP B 271 5.21 -19.33 -14.54
C TRP B 271 3.86 -19.04 -13.92
N VAL B 272 3.83 -18.08 -13.01
CA VAL B 272 2.62 -17.75 -12.28
C VAL B 272 2.40 -16.25 -12.36
N PRO B 273 1.22 -15.82 -12.83
CA PRO B 273 0.92 -14.38 -12.82
C PRO B 273 0.80 -13.86 -11.41
N LEU B 274 1.12 -12.60 -11.18
CA LEU B 274 1.05 -12.06 -9.80
C LEU B 274 -0.25 -12.38 -9.10
N GLY B 275 -1.36 -12.28 -9.79
CA GLY B 275 -2.65 -12.47 -9.14
C GLY B 275 -2.89 -13.86 -8.58
N GLU B 276 -2.23 -14.86 -9.16
CA GLU B 276 -2.45 -16.22 -8.75
C GLU B 276 -1.44 -16.70 -7.70
N VAL B 277 -0.57 -15.79 -7.26
CA VAL B 277 0.53 -16.15 -6.36
C VAL B 277 0.09 -16.62 -4.97
N PRO B 278 -0.77 -15.86 -4.29
CA PRO B 278 -1.26 -16.32 -3.02
C PRO B 278 -1.92 -17.71 -3.08
N GLU B 279 -2.62 -17.94 -4.17
CA GLU B 279 -3.36 -19.14 -4.43
C GLU B 279 -2.38 -20.31 -4.51
N VAL B 280 -1.35 -20.11 -5.31
CA VAL B 280 -0.38 -21.16 -5.57
C VAL B 280 0.50 -21.39 -4.34
N TRP B 281 0.80 -20.31 -3.64
CA TRP B 281 1.53 -20.42 -2.39
C TRP B 281 0.75 -21.28 -1.41
N ALA B 282 -0.56 -21.10 -1.37
CA ALA B 282 -1.45 -21.86 -0.47
C ALA B 282 -1.46 -23.35 -0.80
N ALA B 283 -1.46 -23.69 -2.07
CA ALA B 283 -1.48 -25.07 -2.47
C ALA B 283 -0.16 -25.76 -2.18
N VAL B 284 0.97 -25.04 -2.34
CA VAL B 284 2.29 -25.61 -1.99
C VAL B 284 2.40 -25.86 -0.50
N THR B 285 2.02 -24.88 0.29
CA THR B 285 2.01 -25.04 1.74
C THR B 285 1.06 -26.18 2.14
N SER B 286 -0.03 -26.36 1.40
CA SER B 286 -0.98 -27.45 1.67
C SER B 286 -0.39 -28.83 1.42
N VAL B 287 0.39 -28.96 0.36
CA VAL B 287 1.08 -30.21 0.10
C VAL B 287 2.02 -30.52 1.27
N PHE B 288 2.79 -29.53 1.70
CA PHE B 288 3.70 -29.71 2.82
C PHE B 288 2.95 -30.20 4.04
N ARG B 289 1.87 -29.51 4.40
CA ARG B 289 1.04 -29.93 5.53
C ARG B 289 0.65 -31.40 5.45
N ASP B 290 0.10 -31.79 4.30
CA ASP B 290 -0.54 -33.09 4.17
C ASP B 290 0.40 -34.25 3.85
N TYR B 291 1.50 -33.97 3.15
CA TYR B 291 2.45 -35.01 2.76
C TYR B 291 3.85 -34.88 3.36
N GLY B 292 4.16 -33.79 4.04
CA GLY B 292 5.45 -33.65 4.71
C GLY B 292 5.60 -34.64 5.86
N TYR B 293 6.82 -35.13 6.08
CA TYR B 293 7.09 -36.17 7.10
C TYR B 293 6.98 -35.56 8.51
N ARG B 294 6.41 -36.34 9.44
CA ARG B 294 6.17 -35.88 10.83
C ARG B 294 6.62 -36.95 11.85
N ARG B 295 7.71 -37.65 11.54
CA ARG B 295 8.22 -38.75 12.38
C ARG B 295 9.55 -38.39 13.02
N LEU B 296 10.62 -38.30 12.23
CA LEU B 296 11.89 -37.76 12.72
C LEU B 296 11.86 -36.24 12.68
N ARG B 297 12.21 -35.62 13.80
CA ARG B 297 12.22 -34.17 13.89
C ARG B 297 13.27 -33.51 12.97
N ALA B 298 14.39 -34.17 12.75
CA ALA B 298 15.39 -33.65 11.82
C ALA B 298 15.19 -34.17 10.40
N LYS B 299 14.06 -34.82 10.13
CA LYS B 299 13.73 -35.27 8.78
C LYS B 299 12.31 -34.86 8.45
N ALA B 300 11.92 -33.66 8.88
CA ALA B 300 10.55 -33.15 8.78
C ALA B 300 10.34 -32.07 7.72
N ARG B 301 11.42 -31.46 7.27
CA ARG B 301 11.32 -30.28 6.40
C ARG B 301 11.06 -30.62 4.96
N LEU B 302 10.51 -29.66 4.23
CA LEU B 302 10.05 -29.89 2.87
C LEU B 302 11.16 -30.42 1.95
N LYS B 303 12.37 -29.89 2.09
CA LYS B 303 13.50 -30.29 1.24
C LYS B 303 13.66 -31.82 1.09
N PHE B 304 13.31 -32.58 2.14
CA PHE B 304 13.43 -34.06 2.12
C PHE B 304 12.35 -34.70 1.25
N LEU B 305 11.09 -34.33 1.49
CA LEU B 305 9.97 -34.76 0.64
C LEU B 305 10.28 -34.51 -0.83
N ILE B 306 10.86 -33.34 -1.11
CA ILE B 306 11.20 -32.97 -2.47
C ILE B 306 12.35 -33.85 -2.96
N LYS B 307 13.26 -34.20 -2.06
CA LYS B 307 14.36 -35.10 -2.40
C LYS B 307 13.81 -36.46 -2.87
N ASP B 308 12.90 -37.02 -2.08
CA ASP B 308 12.34 -38.37 -2.33
C ASP B 308 11.44 -38.42 -3.57
N TRP B 309 10.44 -37.56 -3.60
CA TRP B 309 9.49 -37.48 -4.72
C TRP B 309 10.06 -37.08 -6.06
N GLY B 310 10.91 -36.06 -6.07
CA GLY B 310 11.32 -35.40 -7.31
C GLY B 310 10.30 -34.37 -7.74
N ILE B 311 10.75 -33.38 -8.49
CA ILE B 311 9.89 -32.29 -8.93
C ILE B 311 8.68 -32.75 -9.78
N ALA B 312 8.88 -33.59 -10.79
CA ALA B 312 7.77 -34.10 -11.61
C ALA B 312 6.62 -34.63 -10.76
N LYS B 313 6.92 -35.53 -9.83
CA LYS B 313 5.88 -36.09 -8.95
C LYS B 313 5.20 -35.01 -8.09
N PHE B 314 5.99 -34.02 -7.65
CA PHE B 314 5.47 -32.95 -6.77
C PHE B 314 4.52 -32.02 -7.52
N ARG B 315 4.93 -31.58 -8.71
CA ARG B 315 4.11 -30.75 -9.59
C ARG B 315 2.77 -31.41 -9.93
N GLU B 316 2.81 -32.70 -10.26
CA GLU B 316 1.61 -33.48 -10.51
C GLU B 316 0.64 -33.37 -9.34
N VAL B 317 1.14 -33.61 -8.14
CA VAL B 317 0.31 -33.61 -6.94
C VAL B 317 -0.26 -32.23 -6.63
N LEU B 318 0.55 -31.22 -6.89
CA LEU B 318 0.13 -29.86 -6.69
C LEU B 318 -1.06 -29.54 -7.61
N GLU B 319 -0.88 -29.81 -8.90
CA GLU B 319 -1.90 -29.52 -9.92
C GLU B 319 -3.18 -30.34 -9.79
N THR B 320 -3.05 -31.62 -9.47
CA THR B 320 -4.21 -32.53 -9.52
C THR B 320 -4.99 -32.60 -8.21
N GLU B 321 -4.30 -32.58 -7.07
CA GLU B 321 -5.00 -32.69 -5.80
C GLU B 321 -5.38 -31.36 -5.20
N TYR B 322 -4.60 -30.30 -5.44
CA TYR B 322 -4.81 -29.01 -4.74
C TYR B 322 -5.30 -27.86 -5.61
N LEU B 323 -4.64 -27.61 -6.74
CA LEU B 323 -5.08 -26.53 -7.64
C LEU B 323 -6.27 -26.95 -8.52
N LYS B 324 -6.36 -28.24 -8.82
CA LYS B 324 -7.30 -28.76 -9.79
C LYS B 324 -7.08 -28.13 -11.18
N ARG B 325 -5.83 -27.83 -11.53
CA ARG B 325 -5.53 -27.26 -12.83
C ARG B 325 -4.03 -27.28 -13.10
N PRO B 326 -3.63 -27.30 -14.39
CA PRO B 326 -2.21 -27.19 -14.72
C PRO B 326 -1.62 -25.80 -14.45
N LEU B 327 -0.32 -25.76 -14.17
CA LEU B 327 0.42 -24.51 -14.14
C LEU B 327 0.99 -24.29 -15.53
N ILE B 328 1.10 -23.02 -15.90
CA ILE B 328 1.69 -22.64 -17.16
C ILE B 328 3.19 -22.94 -17.10
N ASP B 329 3.77 -23.48 -18.18
CA ASP B 329 5.22 -23.67 -18.22
C ASP B 329 5.89 -22.32 -18.33
N GLY B 330 7.10 -22.22 -17.79
CA GLY B 330 7.86 -20.99 -17.90
C GLY B 330 9.34 -21.25 -17.87
N PRO B 331 10.13 -20.25 -18.31
CA PRO B 331 11.57 -20.30 -18.22
C PRO B 331 12.14 -19.73 -16.91
N ALA B 332 13.40 -20.06 -16.67
CA ALA B 332 14.16 -19.56 -15.54
C ALA B 332 14.78 -18.24 -15.94
N PRO B 333 14.95 -17.33 -15.00
CA PRO B 333 15.63 -16.09 -15.33
C PRO B 333 17.13 -16.31 -15.23
N GLU B 334 17.90 -15.51 -15.94
CA GLU B 334 19.36 -15.66 -15.95
C GLU B 334 19.88 -15.47 -14.53
N PRO B 335 20.42 -16.53 -13.90
CA PRO B 335 20.98 -16.32 -12.57
C PRO B 335 21.99 -15.18 -12.57
N VAL B 336 21.95 -14.35 -11.55
CA VAL B 336 22.86 -13.18 -11.43
C VAL B 336 24.28 -13.63 -11.21
N LYS B 337 25.23 -12.82 -11.63
CA LYS B 337 26.65 -13.15 -11.42
C LYS B 337 27.01 -12.89 -9.98
N HIS B 338 26.79 -11.64 -9.57
CA HIS B 338 27.07 -11.20 -8.20
C HIS B 338 25.73 -11.03 -7.47
N PRO B 339 25.75 -11.07 -6.12
CA PRO B 339 24.50 -10.95 -5.35
C PRO B 339 24.07 -9.49 -5.29
N ILE B 340 22.80 -9.27 -4.98
CA ILE B 340 22.24 -7.94 -4.81
C ILE B 340 21.95 -7.67 -3.32
N ASP B 341 22.83 -6.92 -2.67
CA ASP B 341 22.59 -6.56 -1.28
C ASP B 341 22.05 -5.14 -1.11
N HIS B 342 21.95 -4.37 -2.19
CA HIS B 342 21.44 -2.99 -2.19
C HIS B 342 22.17 -2.02 -1.29
N VAL B 343 23.43 -2.30 -0.96
CA VAL B 343 24.19 -1.34 -0.15
C VAL B 343 24.60 -0.18 -1.01
N GLY B 344 24.54 1.04 -0.45
CA GLY B 344 24.98 2.24 -1.16
C GLY B 344 23.81 2.98 -1.77
N VAL B 345 24.10 3.91 -2.68
CA VAL B 345 23.10 4.81 -3.21
C VAL B 345 22.63 4.34 -4.58
N GLN B 346 21.32 4.27 -4.78
CA GLN B 346 20.78 3.96 -6.09
C GLN B 346 19.58 4.84 -6.40
N ARG B 347 19.32 4.98 -7.71
CA ARG B 347 18.23 5.81 -8.22
C ARG B 347 16.98 4.96 -8.36
N LEU B 348 15.84 5.62 -8.17
CA LEU B 348 14.54 4.95 -8.09
C LEU B 348 13.58 5.40 -9.16
N LYS B 349 12.62 4.51 -9.48
CA LYS B 349 11.47 4.85 -10.35
C LYS B 349 10.81 6.18 -9.92
N ASN B 350 10.72 6.43 -8.60
CA ASN B 350 10.32 7.73 -8.02
C ASN B 350 10.98 8.92 -8.73
N GLY B 351 12.24 8.74 -9.10
CA GLY B 351 13.13 9.88 -9.32
C GLY B 351 13.93 10.26 -8.07
N LEU B 352 13.54 9.70 -6.94
CA LEU B 352 14.27 9.89 -5.70
C LEU B 352 15.41 8.85 -5.55
N ASN B 353 16.03 8.79 -4.36
CA ASN B 353 17.15 7.89 -4.12
C ASN B 353 16.84 6.94 -2.99
N ALA B 354 17.38 5.73 -3.10
CA ALA B 354 17.47 4.79 -1.97
C ALA B 354 18.94 4.69 -1.51
N VAL B 355 19.12 4.54 -0.20
CA VAL B 355 20.44 4.45 0.45
C VAL B 355 20.42 3.21 1.30
N GLY B 356 21.33 2.27 1.04
CA GLY B 356 21.45 1.08 1.88
C GLY B 356 22.66 1.28 2.78
N VAL B 357 22.55 0.83 4.03
CA VAL B 357 23.63 0.99 4.98
C VAL B 357 23.95 -0.33 5.61
N ALA B 358 25.18 -0.44 6.10
CA ALA B 358 25.70 -1.73 6.54
C ALA B 358 26.17 -1.60 7.99
N PRO B 359 25.40 -2.16 8.93
CA PRO B 359 25.95 -2.35 10.27
C PRO B 359 26.96 -3.50 10.25
N ILE B 360 27.37 -3.98 11.43
CA ILE B 360 28.19 -5.17 11.49
C ILE B 360 27.32 -6.36 11.95
N ALA B 361 27.00 -7.22 10.99
CA ALA B 361 26.25 -8.42 11.23
C ALA B 361 24.93 -8.14 11.95
N GLY B 362 24.19 -7.14 11.46
CA GLY B 362 22.82 -6.88 11.94
C GLY B 362 22.67 -6.17 13.27
N ARG B 363 23.78 -5.91 13.96
CA ARG B 363 23.70 -5.38 15.30
C ARG B 363 23.53 -3.87 15.33
N VAL B 364 22.37 -3.44 15.83
CA VAL B 364 22.06 -2.03 16.10
C VAL B 364 21.55 -1.90 17.56
N SER B 365 20.54 -1.05 17.80
CA SER B 365 20.04 -0.82 19.15
C SER B 365 18.78 0.03 19.11
N GLY B 366 18.04 0.07 20.22
CA GLY B 366 16.84 0.90 20.31
C GLY B 366 17.22 2.32 19.99
N THR B 367 18.24 2.81 20.70
CA THR B 367 18.78 4.16 20.49
C THR B 367 19.05 4.49 19.03
N ILE B 368 19.56 3.50 18.30
CA ILE B 368 19.95 3.67 16.89
C ILE B 368 18.72 3.69 15.97
N LEU B 369 17.81 2.75 16.15
CA LEU B 369 16.63 2.69 15.32
C LEU B 369 15.79 3.96 15.50
N THR B 370 15.73 4.45 16.73
CA THR B 370 15.04 5.69 17.04
C THR B 370 15.72 6.85 16.32
N ALA B 371 17.05 6.86 16.35
CA ALA B 371 17.85 7.88 15.69
C ALA B 371 17.57 7.90 14.18
N VAL B 372 17.52 6.71 13.59
CA VAL B 372 17.27 6.59 12.16
C VAL B 372 15.87 7.10 11.77
N ALA B 373 14.88 6.88 12.65
CA ALA B 373 13.53 7.40 12.42
C ALA B 373 13.55 8.92 12.32
N ASP B 374 14.31 9.60 13.18
CA ASP B 374 14.39 11.07 13.13
C ASP B 374 15.12 11.55 11.86
N LEU B 375 16.19 10.84 11.47
CA LEU B 375 16.89 11.15 10.22
C LEU B 375 15.97 10.95 9.01
N MET B 376 15.11 9.93 9.06
CA MET B 376 14.10 9.73 8.02
C MET B 376 13.13 10.94 7.94
N ALA B 377 12.73 11.46 9.09
CA ALA B 377 11.82 12.63 9.16
C ALA B 377 12.47 13.88 8.63
N ARG B 378 13.70 14.15 9.05
CA ARG B 378 14.51 15.21 8.47
C ARG B 378 14.65 15.14 6.94
N ALA B 379 14.57 13.95 6.35
CA ALA B 379 14.76 13.78 4.89
C ALA B 379 13.43 13.57 4.18
N GLY B 380 12.34 13.63 4.94
CA GLY B 380 10.99 13.52 4.38
C GLY B 380 10.56 12.13 3.95
N SER B 381 11.17 11.10 4.54
CA SER B 381 10.94 9.72 4.11
C SER B 381 10.15 8.92 5.12
N ASP B 382 9.16 8.19 4.66
CA ASP B 382 8.35 7.33 5.51
C ASP B 382 8.44 5.86 5.10
N ARG B 383 9.43 5.45 4.30
CA ARG B 383 9.67 4.02 4.09
C ARG B 383 11.14 3.57 4.20
N ILE B 384 11.32 2.52 5.00
CA ILE B 384 12.58 1.82 5.21
C ILE B 384 12.34 0.30 5.11
N ARG B 385 13.36 -0.42 4.66
CA ARG B 385 13.28 -1.88 4.56
C ARG B 385 14.50 -2.52 5.19
N PHE B 386 14.30 -3.61 5.93
CA PHE B 386 15.41 -4.45 6.33
C PHE B 386 15.71 -5.43 5.20
N THR B 387 16.91 -6.00 5.23
CA THR B 387 17.50 -6.76 4.12
C THR B 387 17.75 -8.22 4.50
N PRO B 388 17.62 -9.16 3.55
CA PRO B 388 18.02 -10.54 3.85
C PRO B 388 19.53 -10.74 4.03
N TYR B 389 20.31 -9.68 4.18
CA TYR B 389 21.75 -9.76 4.43
C TYR B 389 22.10 -8.89 5.63
N GLN B 390 21.10 -8.69 6.51
CA GLN B 390 21.21 -8.02 7.82
C GLN B 390 21.50 -6.54 7.69
N LYS B 391 20.91 -5.93 6.68
CA LYS B 391 21.17 -4.54 6.36
C LYS B 391 19.89 -3.75 6.41
N LEU B 392 19.98 -2.45 6.26
CA LEU B 392 18.77 -1.67 6.05
C LEU B 392 18.91 -0.60 5.00
N VAL B 393 17.83 -0.41 4.26
CA VAL B 393 17.76 0.63 3.22
C VAL B 393 16.54 1.58 3.38
N ILE B 394 16.81 2.87 3.24
CA ILE B 394 15.80 3.95 3.30
C ILE B 394 15.41 4.35 1.88
N LEU B 395 14.11 4.53 1.61
CA LEU B 395 13.68 5.02 0.26
C LEU B 395 13.26 6.49 0.28
N ASP B 396 13.08 7.03 -0.92
CA ASP B 396 12.50 8.37 -1.15
C ASP B 396 13.38 9.50 -0.62
N ILE B 397 14.70 9.34 -0.70
CA ILE B 397 15.63 10.42 -0.32
C ILE B 397 15.84 11.31 -1.56
N PRO B 398 15.38 12.58 -1.50
CA PRO B 398 15.66 13.50 -2.61
C PRO B 398 17.12 13.98 -2.62
N ASP B 399 17.62 14.27 -3.82
CA ASP B 399 19.01 14.66 -4.04
C ASP B 399 19.51 15.75 -3.06
N ALA B 400 18.75 16.81 -2.88
CA ALA B 400 19.17 17.91 -2.00
C ALA B 400 19.54 17.45 -0.57
N LEU B 401 18.81 16.45 -0.07
CA LEU B 401 18.91 16.00 1.32
C LEU B 401 19.76 14.74 1.52
N LEU B 402 20.28 14.21 0.42
CA LEU B 402 21.01 12.94 0.43
C LEU B 402 22.26 13.01 1.29
N ASP B 403 23.17 13.94 1.00
CA ASP B 403 24.40 14.09 1.77
C ASP B 403 24.18 14.18 3.29
N ASP B 404 23.27 15.07 3.73
CA ASP B 404 22.97 15.24 5.18
C ASP B 404 22.53 13.92 5.84
N LEU B 405 21.64 13.19 5.18
CA LEU B 405 21.27 11.84 5.61
C LEU B 405 22.49 10.88 5.73
N ILE B 406 23.29 10.76 4.67
CA ILE B 406 24.45 9.86 4.67
C ILE B 406 25.37 10.14 5.86
N ALA B 407 25.60 11.42 6.17
CA ALA B 407 26.48 11.80 7.27
C ALA B 407 25.85 11.38 8.58
N GLY B 408 24.60 11.77 8.79
CA GLY B 408 23.82 11.31 9.97
C GLY B 408 23.89 9.81 10.22
N LEU B 409 23.84 9.02 9.15
CA LEU B 409 23.88 7.57 9.26
C LEU B 409 25.26 7.06 9.64
N ASP B 410 26.29 7.69 9.08
CA ASP B 410 27.68 7.40 9.48
C ASP B 410 27.91 7.74 10.97
N ALA B 411 27.41 8.88 11.44
CA ALA B 411 27.58 9.25 12.85
C ALA B 411 26.95 8.22 13.81
N LEU B 412 25.98 7.44 13.32
CA LEU B 412 25.41 6.32 14.05
C LEU B 412 26.08 4.96 13.78
N GLY B 413 27.16 4.94 12.98
CA GLY B 413 27.85 3.69 12.64
C GLY B 413 27.22 2.87 11.53
N LEU B 414 26.32 3.49 10.75
CA LEU B 414 25.67 2.83 9.64
C LEU B 414 26.20 3.38 8.32
N GLN B 415 27.12 2.63 7.71
CA GLN B 415 27.86 3.13 6.56
C GLN B 415 27.20 2.76 5.25
N SER B 416 27.01 3.75 4.38
CA SER B 416 26.58 3.53 2.99
C SER B 416 27.77 3.23 2.04
N ARG B 417 28.97 3.51 2.54
CA ARG B 417 30.22 3.15 1.87
C ARG B 417 31.11 2.36 2.84
N PRO B 418 30.70 1.13 3.13
CA PRO B 418 31.52 0.27 3.95
C PRO B 418 32.70 -0.35 3.19
N SER B 419 33.64 -0.89 3.96
CA SER B 419 34.67 -1.75 3.44
C SER B 419 34.01 -3.03 3.04
N HIS B 420 34.67 -3.77 2.13
CA HIS B 420 34.26 -5.09 1.67
C HIS B 420 33.94 -6.00 2.87
N TRP B 421 34.83 -5.97 3.85
CA TRP B 421 34.71 -6.80 5.03
C TRP B 421 33.43 -6.51 5.79
N ARG B 422 33.21 -5.24 6.11
CA ARG B 422 32.01 -4.83 6.84
C ARG B 422 30.75 -5.11 6.04
N ARG B 423 30.84 -4.86 4.75
CA ARG B 423 29.73 -5.01 3.86
C ARG B 423 29.31 -6.47 3.68
N ASN B 424 30.27 -7.38 3.59
CA ASN B 424 30.00 -8.74 3.19
C ASN B 424 30.08 -9.79 4.28
N LEU B 425 30.07 -9.39 5.55
CA LEU B 425 30.17 -10.34 6.65
C LEU B 425 28.83 -10.52 7.34
N MET B 426 28.44 -11.76 7.60
CA MET B 426 27.29 -12.04 8.46
C MET B 426 27.65 -12.97 9.61
N ALA B 427 26.85 -12.89 10.68
CA ALA B 427 26.98 -13.75 11.82
C ALA B 427 25.62 -14.02 12.39
N CYS B 428 25.50 -15.14 13.11
CA CYS B 428 24.27 -15.48 13.83
C CYS B 428 24.35 -14.90 15.23
N SER B 429 23.40 -15.27 16.09
CA SER B 429 23.35 -14.81 17.48
C SER B 429 24.52 -15.37 18.25
N GLY B 430 24.69 -16.68 18.18
CA GLY B 430 25.75 -17.33 18.90
C GLY B 430 25.52 -17.40 20.39
N ILE B 431 26.57 -17.80 21.11
CA ILE B 431 26.46 -18.20 22.52
C ILE B 431 26.10 -17.08 23.51
N GLU B 432 26.21 -15.82 23.05
CA GLU B 432 25.74 -14.67 23.81
C GLU B 432 24.29 -14.82 24.28
N PHE B 433 23.43 -15.48 23.48
CA PHE B 433 21.99 -15.62 23.79
C PHE B 433 21.34 -16.95 23.36
N CYS B 434 22.00 -17.70 22.46
CA CYS B 434 21.41 -18.89 21.84
C CYS B 434 21.78 -20.16 22.59
N LYS B 435 20.77 -21.00 22.83
CA LYS B 435 20.94 -22.22 23.59
C LYS B 435 21.60 -23.36 22.81
N LEU B 436 21.83 -23.17 21.51
CA LEU B 436 22.39 -24.25 20.67
C LEU B 436 23.81 -23.99 20.12
N SER B 437 24.44 -22.88 20.50
CA SER B 437 25.78 -22.52 19.99
C SER B 437 26.89 -23.08 20.83
N PHE B 438 28.02 -23.24 20.16
CA PHE B 438 29.24 -23.66 20.77
C PHE B 438 30.24 -22.49 20.83
N ALA B 439 29.91 -21.39 20.14
CA ALA B 439 30.81 -20.26 20.04
C ALA B 439 30.06 -18.95 19.97
N GLU B 440 30.82 -17.87 20.21
CA GLU B 440 30.33 -16.51 20.18
C GLU B 440 30.54 -15.95 18.77
N THR B 441 29.54 -15.24 18.27
CA THR B 441 29.52 -14.86 16.87
C THR B 441 29.24 -13.37 16.71
N ARG B 442 28.12 -12.89 17.25
CA ARG B 442 27.72 -11.51 16.99
C ARG B 442 28.67 -10.47 17.59
N VAL B 443 29.19 -10.73 18.78
CA VAL B 443 30.12 -9.77 19.42
C VAL B 443 31.52 -9.90 18.80
N ARG B 444 31.96 -11.12 18.52
CA ARG B 444 33.24 -11.34 17.84
C ARG B 444 33.30 -10.58 16.52
N ALA B 445 32.22 -10.67 15.75
CA ALA B 445 32.12 -9.95 14.48
C ALA B 445 32.30 -8.44 14.63
N GLN B 446 31.91 -7.89 15.77
CA GLN B 446 32.02 -6.44 15.96
C GLN B 446 33.49 -6.01 15.97
N HIS B 447 34.35 -6.91 16.42
CA HIS B 447 35.77 -6.58 16.55
C HIS B 447 36.60 -7.17 15.43
N LEU B 448 36.02 -8.16 14.75
CA LEU B 448 36.68 -8.83 13.65
C LEU B 448 36.69 -7.95 12.39
N VAL B 449 35.55 -7.34 12.08
CA VAL B 449 35.46 -6.49 10.89
C VAL B 449 36.59 -5.42 10.89
N PRO B 450 36.66 -4.54 11.91
CA PRO B 450 37.76 -3.58 12.03
C PRO B 450 39.15 -4.24 11.95
N GLU B 451 39.37 -5.32 12.71
CA GLU B 451 40.64 -6.06 12.65
C GLU B 451 41.03 -6.31 11.17
N LEU B 452 40.16 -7.00 10.44
CA LEU B 452 40.38 -7.25 9.02
C LEU B 452 40.55 -5.96 8.22
N GLU B 453 39.72 -4.95 8.49
CA GLU B 453 39.80 -3.68 7.72
C GLU B 453 41.19 -3.10 7.77
N ARG B 454 41.75 -2.98 8.97
CA ARG B 454 43.06 -2.34 9.05
C ARG B 454 44.20 -3.34 8.82
N ARG B 455 43.97 -4.60 9.21
CA ARG B 455 45.00 -5.65 9.03
C ARG B 455 45.35 -5.96 7.57
N LEU B 456 44.39 -5.78 6.67
CA LEU B 456 44.58 -6.11 5.26
C LEU B 456 44.41 -4.87 4.37
N GLU B 457 44.54 -3.68 4.95
CA GLU B 457 44.44 -2.44 4.19
C GLU B 457 45.53 -2.48 3.15
N ASP B 458 46.71 -2.83 3.63
CA ASP B 458 47.84 -3.33 2.84
C ASP B 458 47.46 -3.76 1.40
N ILE B 459 46.45 -4.63 1.30
CA ILE B 459 46.14 -5.36 0.07
C ILE B 459 44.86 -4.88 -0.60
N ASN B 460 44.07 -4.07 0.11
CA ASN B 460 42.73 -3.68 -0.32
C ASN B 460 42.67 -3.21 -1.77
N SER B 461 43.70 -2.47 -2.18
CA SER B 461 43.86 -2.01 -3.57
C SER B 461 43.55 -3.08 -4.63
N GLN B 462 43.96 -4.32 -4.36
CA GLN B 462 43.80 -5.43 -5.29
C GLN B 462 42.45 -6.15 -5.23
N LEU B 463 41.62 -5.86 -4.23
CA LEU B 463 40.41 -6.67 -4.03
C LEU B 463 39.20 -6.12 -4.77
N ASP B 464 39.31 -6.27 -6.09
CA ASP B 464 38.27 -5.94 -7.05
C ASP B 464 37.06 -6.87 -6.93
N VAL B 465 37.14 -7.93 -6.13
CA VAL B 465 36.04 -8.88 -5.96
C VAL B 465 35.79 -9.10 -4.44
N PRO B 466 34.52 -8.96 -4.00
CA PRO B 466 34.20 -9.15 -2.57
C PRO B 466 34.21 -10.59 -2.06
N ILE B 467 34.80 -10.78 -0.87
CA ILE B 467 34.87 -12.10 -0.19
C ILE B 467 33.86 -12.18 0.95
N THR B 468 32.79 -12.91 0.73
CA THR B 468 31.74 -13.05 1.72
C THR B 468 32.22 -13.93 2.89
N VAL B 469 31.88 -13.54 4.12
CA VAL B 469 32.31 -14.24 5.32
C VAL B 469 31.09 -14.42 6.23
N ASN B 470 30.76 -15.67 6.54
CA ASN B 470 29.62 -15.98 7.37
C ASN B 470 30.03 -16.78 8.61
N ILE B 471 29.72 -16.24 9.78
CA ILE B 471 30.12 -16.82 11.07
C ILE B 471 28.92 -17.44 11.81
N ASN B 472 28.90 -18.76 11.94
CA ASN B 472 27.79 -19.47 12.58
C ASN B 472 28.23 -20.16 13.86
N GLY B 473 27.39 -20.11 14.89
CA GLY B 473 27.72 -20.69 16.21
C GLY B 473 27.47 -22.18 16.39
N CYS B 474 26.86 -22.82 15.38
CA CYS B 474 26.53 -24.22 15.42
C CYS B 474 26.10 -24.66 14.01
N PRO B 475 25.88 -25.98 13.79
CA PRO B 475 25.61 -26.50 12.44
C PRO B 475 24.25 -26.16 11.79
N ASN B 476 23.32 -25.58 12.54
CA ASN B 476 22.01 -25.14 12.01
C ASN B 476 22.09 -24.14 10.83
N SER B 477 23.21 -23.41 10.72
CA SER B 477 23.53 -22.54 9.57
C SER B 477 22.58 -21.34 9.37
N CYS B 478 22.21 -20.70 10.48
CA CYS B 478 21.35 -19.53 10.46
C CYS B 478 21.94 -18.33 9.72
N ALA B 479 23.27 -18.24 9.70
CA ALA B 479 23.98 -17.21 8.93
C ALA B 479 24.63 -17.83 7.72
N ARG B 480 24.03 -18.91 7.21
CA ARG B 480 24.35 -19.45 5.90
C ARG B 480 25.84 -19.86 5.71
N ILE B 481 26.24 -20.94 6.35
CA ILE B 481 27.63 -21.43 6.29
C ILE B 481 28.06 -21.90 4.89
N GLN B 482 27.17 -22.63 4.21
CA GLN B 482 27.56 -23.35 3.02
C GLN B 482 27.57 -22.49 1.77
N ILE B 483 27.17 -21.24 1.87
CA ILE B 483 27.09 -20.36 0.70
C ILE B 483 27.88 -19.07 0.86
N ALA B 484 29.00 -19.16 1.56
CA ALA B 484 29.90 -18.03 1.71
C ALA B 484 31.19 -18.41 1.09
N ASP B 485 31.95 -17.42 0.69
CA ASP B 485 33.32 -17.66 0.25
C ASP B 485 34.13 -18.28 1.42
N ILE B 486 33.99 -17.70 2.60
CA ILE B 486 34.55 -18.29 3.82
C ILE B 486 33.47 -18.48 4.89
N GLY B 487 33.00 -19.71 5.05
CA GLY B 487 31.97 -20.02 6.02
C GLY B 487 32.58 -20.65 7.25
N PHE B 488 32.07 -20.30 8.42
CA PHE B 488 32.56 -20.86 9.67
C PHE B 488 31.43 -21.61 10.38
N LYS B 489 31.66 -22.87 10.72
CA LYS B 489 30.71 -23.67 11.47
C LYS B 489 31.28 -23.91 12.85
N GLY B 490 30.74 -23.23 13.84
CA GLY B 490 31.21 -23.35 15.21
C GLY B 490 31.00 -24.74 15.76
N GLN B 491 32.02 -25.23 16.46
CA GLN B 491 31.97 -26.53 17.12
C GLN B 491 32.98 -26.53 18.25
N MET B 492 32.89 -27.54 19.12
CA MET B 492 33.88 -27.73 20.17
C MET B 492 35.07 -28.46 19.62
N ILE B 493 36.27 -28.01 19.99
CA ILE B 493 37.52 -28.63 19.53
C ILE B 493 38.50 -28.85 20.69
N ASP B 494 39.67 -29.46 20.40
CA ASP B 494 40.64 -29.85 21.43
C ASP B 494 42.08 -29.35 21.16
N ASP B 495 42.77 -28.88 22.21
CA ASP B 495 44.25 -28.64 22.15
C ASP B 495 44.96 -28.95 23.48
N GLY B 496 46.14 -29.59 23.37
CA GLY B 496 46.89 -30.07 24.54
C GLY B 496 46.20 -31.19 25.31
N HIS B 497 45.03 -31.63 24.82
CA HIS B 497 44.09 -32.56 25.51
C HIS B 497 43.65 -32.19 26.95
N GLY B 498 44.28 -31.19 27.56
CA GLY B 498 43.84 -30.64 28.85
C GLY B 498 43.06 -29.35 28.61
N GLY B 499 42.44 -29.27 27.43
CA GLY B 499 41.69 -28.09 27.01
C GLY B 499 40.89 -28.40 25.77
N SER B 500 39.55 -28.36 25.91
CA SER B 500 38.59 -28.41 24.79
C SER B 500 37.93 -27.03 24.58
N VAL B 501 38.19 -26.38 23.44
CA VAL B 501 37.89 -24.95 23.24
C VAL B 501 36.78 -24.73 22.20
N GLU B 502 36.24 -23.51 22.17
CA GLU B 502 35.41 -23.04 21.07
C GLU B 502 36.25 -22.68 19.82
N GLY B 503 35.81 -23.21 18.68
CA GLY B 503 36.46 -22.99 17.39
C GLY B 503 35.50 -23.28 16.25
N PHE B 504 36.02 -23.28 15.02
CA PHE B 504 35.18 -23.33 13.84
C PHE B 504 35.72 -24.30 12.80
N GLN B 505 34.81 -25.04 12.17
CA GLN B 505 35.14 -25.82 10.98
C GLN B 505 34.87 -24.89 9.81
N VAL B 506 35.66 -25.02 8.75
CA VAL B 506 35.69 -24.04 7.65
C VAL B 506 35.06 -24.60 6.36
N HIS B 507 34.17 -23.82 5.74
CA HIS B 507 33.61 -24.17 4.43
C HIS B 507 34.05 -23.08 3.47
N LEU B 508 34.61 -23.48 2.34
CA LEU B 508 35.20 -22.55 1.38
C LEU B 508 34.50 -22.60 0.04
N GLY B 509 34.21 -21.42 -0.51
CA GLY B 509 33.78 -21.28 -1.91
C GLY B 509 32.30 -21.45 -2.23
N GLY B 510 31.42 -21.35 -1.26
CA GLY B 510 29.99 -21.43 -1.51
C GLY B 510 29.44 -20.16 -2.14
N HIS B 511 28.32 -20.26 -2.85
CA HIS B 511 27.61 -19.10 -3.43
C HIS B 511 26.26 -19.52 -4.00
N LEU B 512 25.37 -18.54 -4.14
CA LEU B 512 24.13 -18.72 -4.88
C LEU B 512 24.29 -18.08 -6.28
N GLY B 513 23.18 -17.86 -6.97
CA GLY B 513 23.22 -17.23 -8.28
C GLY B 513 23.68 -18.17 -9.36
N LEU B 514 24.69 -17.77 -10.12
CA LEU B 514 25.21 -18.58 -11.23
C LEU B 514 25.99 -19.80 -10.74
N ASP B 515 25.52 -20.99 -11.14
CA ASP B 515 26.10 -22.27 -10.70
C ASP B 515 26.20 -22.29 -9.19
N ALA B 516 25.07 -22.07 -8.54
CA ALA B 516 25.02 -22.10 -7.10
C ALA B 516 25.46 -23.49 -6.63
N GLY B 517 26.33 -23.49 -5.64
CA GLY B 517 26.83 -24.71 -5.03
C GLY B 517 27.37 -24.42 -3.66
N PHE B 518 27.50 -25.47 -2.87
CA PHE B 518 27.95 -25.33 -1.51
C PHE B 518 29.48 -25.30 -1.45
N GLY B 519 30.00 -24.85 -0.31
CA GLY B 519 31.44 -24.71 -0.12
C GLY B 519 32.04 -26.02 0.30
N ARG B 520 33.34 -26.18 0.09
CA ARG B 520 34.02 -27.44 0.41
C ARG B 520 34.62 -27.41 1.82
N LYS B 521 34.56 -28.56 2.49
CA LYS B 521 34.95 -28.69 3.87
C LYS B 521 36.38 -29.15 3.83
N LEU B 522 37.17 -28.80 4.84
CA LEU B 522 38.58 -29.19 4.87
C LEU B 522 38.84 -30.35 5.80
N ARG B 523 39.87 -31.12 5.48
CA ARG B 523 40.00 -32.48 6.00
C ARG B 523 40.32 -32.56 7.49
N GLN B 524 41.53 -32.19 7.88
CA GLN B 524 41.91 -32.17 9.29
C GLN B 524 42.13 -30.70 9.57
N HIS B 525 41.04 -30.00 9.90
CA HIS B 525 41.06 -28.54 10.07
C HIS B 525 40.09 -28.00 11.13
N LYS B 526 40.68 -27.28 12.08
CA LYS B 526 39.95 -26.61 13.13
C LYS B 526 40.59 -25.21 13.26
N VAL B 527 39.76 -24.18 13.32
CA VAL B 527 40.23 -22.81 13.53
C VAL B 527 39.68 -22.28 14.84
N THR B 528 40.57 -21.99 15.79
CA THR B 528 40.10 -21.49 17.07
C THR B 528 39.58 -20.07 16.92
N SER B 529 38.63 -19.74 17.78
CA SER B 529 37.98 -18.44 17.78
C SER B 529 38.94 -17.27 17.89
N ASP B 530 40.14 -17.47 18.44
CA ASP B 530 41.16 -16.41 18.45
C ASP B 530 41.82 -16.26 17.09
N GLU B 531 41.94 -17.36 16.35
CA GLU B 531 42.66 -17.37 15.07
C GLU B 531 41.89 -16.81 13.87
N LEU B 532 40.60 -16.49 14.00
CA LEU B 532 39.80 -16.19 12.81
C LEU B 532 40.39 -15.12 11.94
N GLY B 533 40.87 -14.07 12.56
CA GLY B 533 41.55 -13.00 11.83
C GLY B 533 42.86 -13.45 11.20
N ASP B 534 43.67 -14.22 11.94
CA ASP B 534 44.92 -14.78 11.40
C ASP B 534 44.64 -15.67 10.17
N TYR B 535 43.64 -16.54 10.28
CA TYR B 535 43.30 -17.49 9.21
C TYR B 535 42.78 -16.82 7.95
N ILE B 536 41.84 -15.90 8.12
CA ILE B 536 41.27 -15.14 7.00
C ILE B 536 42.43 -14.42 6.30
N ASP B 537 43.30 -13.79 7.08
CA ASP B 537 44.47 -13.06 6.57
C ASP B 537 45.38 -13.96 5.72
N ARG B 538 45.75 -15.08 6.32
CA ARG B 538 46.60 -16.05 5.66
C ARG B 538 45.98 -16.44 4.32
N VAL B 539 44.74 -16.91 4.35
CA VAL B 539 44.12 -17.48 3.16
C VAL B 539 43.83 -16.42 2.09
N VAL B 540 43.49 -15.20 2.50
CA VAL B 540 43.18 -14.14 1.54
C VAL B 540 44.47 -13.66 0.88
N ARG B 541 45.55 -13.60 1.63
CA ARG B 541 46.85 -13.29 1.05
C ARG B 541 47.33 -14.38 0.07
N ASN B 542 47.15 -15.66 0.45
CA ASN B 542 47.38 -16.78 -0.48
C ASN B 542 46.49 -16.68 -1.73
N PHE B 543 45.27 -16.17 -1.56
CA PHE B 543 44.42 -15.93 -2.73
C PHE B 543 45.02 -14.91 -3.67
N VAL B 544 45.56 -13.83 -3.14
CA VAL B 544 46.10 -12.75 -3.97
C VAL B 544 47.46 -13.08 -4.58
N LYS B 545 48.12 -14.12 -4.08
CA LYS B 545 49.40 -14.56 -4.64
C LYS B 545 49.17 -15.52 -5.80
N HIS B 546 48.65 -16.69 -5.50
CA HIS B 546 48.46 -17.74 -6.49
C HIS B 546 47.25 -17.45 -7.41
N ARG B 547 46.99 -16.17 -7.66
CA ARG B 547 45.72 -15.74 -8.23
C ARG B 547 45.76 -15.64 -9.75
N SER B 548 44.69 -16.07 -10.40
CA SER B 548 44.46 -15.76 -11.81
C SER B 548 43.92 -14.32 -11.90
N GLU B 549 44.04 -13.70 -13.06
CA GLU B 549 43.62 -12.29 -13.22
C GLU B 549 42.11 -12.22 -13.50
N GLY B 550 41.41 -11.49 -12.63
CA GLY B 550 39.96 -11.36 -12.70
C GLY B 550 39.21 -12.55 -12.13
N GLU B 551 39.92 -13.38 -11.38
CA GLU B 551 39.37 -14.64 -10.90
C GLU B 551 38.69 -14.44 -9.55
N ARG B 552 37.48 -14.97 -9.42
CA ARG B 552 36.75 -14.91 -8.16
C ARG B 552 37.33 -15.90 -7.14
N PHE B 553 37.10 -15.63 -5.87
CA PHE B 553 37.62 -16.47 -4.78
C PHE B 553 37.02 -17.90 -4.84
N ALA B 554 35.72 -18.02 -5.14
CA ALA B 554 35.08 -19.34 -5.25
C ALA B 554 35.69 -20.22 -6.36
N GLN B 555 36.24 -19.58 -7.39
CA GLN B 555 36.91 -20.28 -8.47
C GLN B 555 38.32 -20.75 -8.06
N TRP B 556 39.09 -19.89 -7.41
CA TRP B 556 40.46 -20.22 -6.99
C TRP B 556 40.49 -21.36 -5.99
N VAL B 557 39.39 -21.55 -5.29
CA VAL B 557 39.27 -22.62 -4.31
C VAL B 557 39.11 -23.99 -4.98
N ILE B 558 38.81 -24.02 -6.28
CA ILE B 558 38.80 -25.27 -7.03
C ILE B 558 40.19 -25.92 -7.06
N ARG B 559 41.24 -25.10 -7.25
CA ARG B 559 42.52 -25.65 -7.65
C ARG B 559 43.70 -25.49 -6.70
N ALA B 560 43.79 -24.40 -5.94
CA ALA B 560 45.00 -24.23 -5.09
C ALA B 560 45.25 -25.45 -4.18
N GLU B 561 46.50 -25.66 -3.83
CA GLU B 561 46.85 -26.78 -2.96
C GLU B 561 46.08 -26.68 -1.63
N GLU B 562 45.77 -27.82 -1.01
CA GLU B 562 45.10 -27.82 0.28
C GLU B 562 45.90 -27.15 1.39
N ASP B 563 47.21 -27.04 1.22
CA ASP B 563 48.04 -26.35 2.21
C ASP B 563 47.84 -24.82 2.09
N ASP B 564 47.53 -24.32 0.90
CA ASP B 564 47.21 -22.88 0.71
C ASP B 564 45.82 -22.46 1.25
N LEU B 565 45.04 -23.42 1.75
CA LEU B 565 43.69 -23.18 2.24
C LEU B 565 43.54 -23.42 3.75
N ARG B 566 44.64 -23.59 4.47
CA ARG B 566 44.59 -24.00 5.89
C ARG B 566 44.90 -22.88 6.89
CL CL C . -18.87 20.04 -3.26
FE1 SF4 D . -26.95 22.60 -6.15
FE2 SF4 D . -25.05 20.71 -5.63
FE3 SF4 D . -27.28 20.91 -4.04
FE4 SF4 D . -27.31 19.86 -6.58
S1 SF4 D . -26.24 18.98 -4.73
S2 SF4 D . -28.84 21.38 -5.69
S3 SF4 D . -25.88 21.26 -7.70
S4 SF4 D . -25.64 22.50 -4.27
FE SRM E . -20.66 20.22 -4.41
CHA SRM E . -22.06 22.63 -2.44
CHB SRM E . -23.08 18.09 -3.50
CHC SRM E . -19.29 17.89 -6.25
CHD SRM E . -19.83 22.60 -6.77
NA SRM E . -22.14 20.27 -3.06
C1A SRM E . -22.48 21.30 -2.25
C2A SRM E . -23.38 20.90 -1.12
CMA SRM E . -22.57 20.69 0.11
CDA SRM E . -24.54 21.83 -0.94
CEA SRM E . -24.53 22.82 0.18
O3A SRM E . -23.64 23.68 0.20
O4A SRM E . -25.38 22.78 1.08
C3A SRM E . -23.91 19.61 -1.65
CAA SRM E . -24.08 18.53 -0.62
CBA SRM E . -25.49 18.73 -0.14
CCA SRM E . -26.11 17.43 0.27
O1A SRM E . -25.88 16.42 -0.43
O2A SRM E . -26.81 17.40 1.31
C4A SRM E . -22.99 19.29 -2.78
NB SRM E . -21.05 18.30 -4.67
C1B SRM E . -22.03 17.53 -4.22
C2B SRM E . -21.89 16.06 -4.52
CMB SRM E . -22.30 15.16 -3.40
CDB SRM E . -22.75 15.77 -5.70
CEB SRM E . -22.80 14.37 -6.21
O3B SRM E . -23.83 13.67 -6.13
O4B SRM E . -21.76 13.92 -6.70
C3B SRM E . -20.42 16.03 -4.89
CAB SRM E . -19.57 15.83 -3.66
CBB SRM E . -18.24 15.22 -4.00
CCB SRM E . -17.34 15.25 -2.80
O1B SRM E . -17.14 14.24 -2.14
O2B SRM E . -16.74 16.27 -2.48
C4B SRM E . -20.22 17.47 -5.30
NC SRM E . -19.88 20.23 -6.18
C1C SRM E . -19.19 19.20 -6.72
C2C SRM E . -18.69 19.47 -7.98
CDC SRM E . -18.11 18.55 -9.01
CEC SRM E . -16.68 18.19 -9.00
O3C SRM E . -15.96 18.51 -8.02
O4C SRM E . -16.28 17.58 -10.00
C3C SRM E . -18.91 20.81 -8.12
CAC SRM E . -18.47 21.50 -9.37
CBC SRM E . -17.00 21.70 -9.67
CCC SRM E . -16.50 22.89 -8.87
O1C SRM E . -16.38 22.82 -7.62
O2C SRM E . -16.25 23.93 -9.52
C4C SRM E . -19.56 21.25 -6.99
ND SRM E . -20.60 22.23 -4.41
C1D SRM E . -20.41 22.95 -5.53
C2D SRM E . -20.91 24.25 -5.33
CAD SRM E . -20.36 25.46 -6.05
CBD SRM E . -19.25 26.24 -5.40
CCD SRM E . -18.54 27.39 -6.07
O1D SRM E . -17.32 27.22 -6.32
O2D SRM E . -19.14 28.45 -6.38
C3D SRM E . -21.41 24.28 -4.04
CDD SRM E . -21.63 25.52 -3.23
CED SRM E . -20.51 26.29 -2.57
O3D SRM E . -19.38 25.81 -2.45
O4D SRM E . -20.68 27.44 -2.11
C4D SRM E . -21.20 23.03 -3.48
CL CL F . 15.31 -19.44 12.26
FE1 SF4 G . 23.20 -22.16 15.77
FE2 SF4 G . 21.49 -20.50 14.65
FE3 SF4 G . 22.05 -20.33 17.30
FE4 SF4 G . 23.92 -19.55 15.43
S1 SF4 G . 21.89 -18.57 15.83
S2 SF4 G . 24.31 -20.83 17.29
S3 SF4 G . 23.54 -21.06 13.79
S4 SF4 G . 20.93 -22.06 16.24
FE SRM H . 17.45 -19.63 12.70
CHA SRM H . 16.88 -21.83 15.23
CHB SRM H . 18.56 -17.36 14.78
CHC SRM H . 17.75 -17.66 10.15
CHD SRM H . 18.21 -22.40 10.56
NA SRM H . 17.72 -19.65 14.64
C1A SRM H . 17.24 -20.52 15.55
C2A SRM H . 17.14 -19.95 16.93
CMA SRM H . 15.71 -19.58 17.17
CDA SRM H . 17.73 -20.87 17.97
CEA SRM H . 16.92 -21.76 18.84
O3A SRM H . 16.13 -22.60 18.38
O4A SRM H . 17.04 -21.68 20.07
C3A SRM H . 18.00 -18.74 16.82
CAA SRM H . 17.50 -17.53 17.56
CBA SRM H . 18.15 -17.58 18.91
CCA SRM H . 18.35 -16.23 19.57
O1A SRM H . 18.82 -15.28 18.92
O2A SRM H . 18.05 -16.07 20.78
C4A SRM H . 18.09 -18.56 15.34
NB SRM H . 18.00 -17.83 12.54
C1B SRM H . 18.39 -16.97 13.47
C2B SRM H . 18.62 -15.58 12.92
CMB SRM H . 18.32 -14.44 13.88
CDB SRM H . 20.05 -15.48 12.51
CEB SRM H . 20.57 -14.12 12.21
O3B SRM H . 21.22 -13.47 13.04
O4B SRM H . 20.31 -13.65 11.09
C3B SRM H . 17.77 -15.61 11.69
CAB SRM H . 16.34 -15.33 12.04
CBB SRM H . 15.55 -14.95 10.82
CCB SRM H . 14.10 -14.85 11.13
O1B SRM H . 13.63 -13.76 11.45
O2B SRM H . 13.34 -15.81 11.07
C4B SRM H . 17.84 -17.09 11.42
NC SRM H . 17.96 -19.99 10.79
C1C SRM H . 17.90 -19.01 9.85
C2C SRM H . 18.35 -19.42 8.61
CDC SRM H . 18.70 -18.62 7.40
CEC SRM H . 17.64 -18.29 6.42
O3C SRM H . 16.43 -18.44 6.69
O4C SRM H . 18.02 -17.86 5.33
C3C SRM H . 18.50 -20.76 8.75
CAC SRM H . 18.97 -21.51 7.55
CBC SRM H . 18.04 -21.80 6.40
CCC SRM H . 17.13 -22.91 6.81
O1C SRM H . 16.17 -22.72 7.57
O2C SRM H . 17.33 -24.04 6.41
C4C SRM H . 18.21 -21.10 10.06
ND SRM H . 17.32 -21.70 12.80
C1D SRM H . 17.80 -22.57 11.89
C2D SRM H . 17.91 -23.83 12.50
CAD SRM H . 17.92 -25.11 11.71
CBD SRM H . 16.66 -25.93 11.59
CCD SRM H . 16.54 -27.07 10.61
O1D SRM H . 15.82 -26.88 9.62
O2D SRM H . 17.11 -28.18 10.76
C3D SRM H . 17.46 -23.71 13.80
CDD SRM H . 17.04 -24.86 14.68
CED SRM H . 15.68 -25.53 14.57
O3D SRM H . 14.77 -25.07 13.86
O4D SRM H . 15.42 -26.57 15.21
C4D SRM H . 17.08 -22.38 13.96
#